data_3NT5
#
_entry.id   3NT5
#
_cell.length_a   183.498
_cell.length_b   183.498
_cell.length_c   183.498
_cell.angle_alpha   90.000
_cell.angle_beta   90.000
_cell.angle_gamma   90.000
#
_symmetry.space_group_name_H-M   'I 21 3'
#
loop_
_entity.id
_entity.type
_entity.pdbx_description
1 polymer 'Inositol 2-dehydrogenase/D-chiro-inositol 3-dehydrogenase'
2 non-polymer NICOTINAMIDE-ADENINE-DINUCLEOTIDE
3 non-polymer (2R,3S,4s,5R,6S)-2,3,4,5,6-pentahydroxycyclohexanone
4 non-polymer '1,4-DIHYDRONICOTINAMIDE ADENINE DINUCLEOTIDE'
#
_entity_poly.entity_id   1
_entity_poly.type   'polypeptide(L)'
_entity_poly.pdbx_seq_one_letter_code
;MSLRIGVIGTGAIGKEHINRITNKLSGAEIVAVTDVNQEAAQKVVEQYQLNATVYPNDDSLLADENVDAVLVTSWGPAHE
SSVLKAIKAQKYVFCEKPLATTAEGCMRIVEEEIKVGKRLVQVGFMRRYDSGYVQLKEALDNHVIGEPLMIHCAHRNPTV
GDNYTTDMAVVDTLVHEIDVLHWLVNDDYESVQVIYPKKSKNALPHLKDPQIVVIETKGGIVINAEIYVNCKYGYDIQCE
IVGEDGIIKLPEPSSISLRKEGRFSTDILMDWQRRFVAAYDVEIQDFIDSIQKKGEVSGPTAWDGYIAAVTTDACVKAQE
SGQKEKVELKEKPEFYQSFTTVQN
;
_entity_poly.pdbx_strand_id   A,B
#
# COMPACT_ATOMS: atom_id res chain seq x y z
N MET A 1 -8.81 -5.01 48.43
CA MET A 1 -9.03 -6.44 48.22
C MET A 1 -8.89 -6.80 46.74
N SER A 2 -7.79 -7.47 46.40
CA SER A 2 -7.37 -7.67 44.99
C SER A 2 -7.99 -8.87 44.25
N LEU A 3 -7.90 -8.85 42.92
CA LEU A 3 -8.47 -9.92 42.09
C LEU A 3 -7.58 -11.15 42.03
N ARG A 4 -8.18 -12.31 42.25
CA ARG A 4 -7.44 -13.54 42.36
C ARG A 4 -7.49 -14.36 41.07
N ILE A 5 -6.30 -14.50 40.47
CA ILE A 5 -6.18 -15.00 39.10
C ILE A 5 -5.44 -16.32 38.96
N GLY A 6 -6.07 -17.22 38.22
CA GLY A 6 -5.50 -18.50 37.89
C GLY A 6 -5.00 -18.53 36.47
N VAL A 7 -3.79 -19.03 36.29
CA VAL A 7 -3.21 -19.10 34.97
C VAL A 7 -3.14 -20.52 34.46
N ILE A 8 -3.88 -20.80 33.39
CA ILE A 8 -3.75 -22.08 32.72
C ILE A 8 -2.80 -21.96 31.53
N GLY A 9 -1.62 -22.54 31.63
CA GLY A 9 -0.65 -22.40 30.56
C GLY A 9 0.55 -21.62 31.02
N THR A 10 1.46 -22.30 31.72
CA THR A 10 2.61 -21.65 32.30
C THR A 10 3.75 -21.60 31.31
N GLY A 11 3.42 -21.29 30.06
CA GLY A 11 4.42 -21.16 29.00
C GLY A 11 5.09 -19.80 28.89
N ALA A 12 5.90 -19.60 27.86
CA ALA A 12 6.58 -18.32 27.67
C ALA A 12 5.66 -17.11 27.82
N ILE A 13 4.54 -17.10 27.12
CA ILE A 13 3.67 -15.92 27.18
C ILE A 13 2.85 -15.83 28.48
N GLY A 14 2.42 -16.97 29.00
CA GLY A 14 1.77 -17.02 30.29
C GLY A 14 2.72 -16.51 31.37
N LYS A 15 4.01 -16.82 31.22
CA LYS A 15 5.02 -16.38 32.16
C LYS A 15 5.16 -14.86 32.09
N GLU A 16 5.10 -14.31 30.89
CA GLU A 16 5.24 -12.87 30.74
C GLU A 16 4.12 -12.13 31.45
N HIS A 17 2.93 -12.68 31.32
CA HIS A 17 1.77 -12.15 32.02
C HIS A 17 1.88 -12.30 33.55
N ILE A 18 2.30 -13.48 33.99
CA ILE A 18 2.42 -13.69 35.42
C ILE A 18 3.37 -12.66 35.97
N ASN A 19 4.43 -12.40 35.19
CA ASN A 19 5.41 -11.40 35.57
C ASN A 19 4.84 -10.00 35.65
N ARG A 20 4.15 -9.56 34.62
CA ARG A 20 3.65 -8.20 34.65
C ARG A 20 2.64 -8.04 35.78
N ILE A 21 1.71 -8.95 35.89
CA ILE A 21 0.75 -8.92 36.97
C ILE A 21 1.42 -8.89 38.37
N THR A 22 2.46 -9.69 38.55
CA THR A 22 3.11 -9.73 39.85
C THR A 22 3.96 -8.51 40.11
N ASN A 23 4.71 -8.04 39.12
CA ASN A 23 5.72 -7.01 39.39
C ASN A 23 5.55 -5.65 38.70
N LYS A 24 4.52 -5.55 37.86
CA LYS A 24 4.27 -4.33 37.15
C LYS A 24 2.89 -3.74 37.38
N LEU A 25 1.84 -4.54 37.32
CA LEU A 25 0.48 -3.99 37.34
C LEU A 25 -0.09 -3.73 38.74
N SER A 26 -1.40 -3.47 38.81
CA SER A 26 -2.02 -3.17 40.10
C SER A 26 -3.31 -3.93 40.29
N GLY A 27 -3.50 -4.40 41.53
CA GLY A 27 -4.78 -4.92 41.98
C GLY A 27 -5.13 -6.34 41.62
N ALA A 28 -4.15 -7.26 41.63
CA ALA A 28 -4.39 -8.66 41.29
C ALA A 28 -3.20 -9.53 41.64
N GLU A 29 -3.43 -10.81 41.91
CA GLU A 29 -2.33 -11.72 42.21
C GLU A 29 -2.58 -13.10 41.64
N ILE A 30 -1.54 -13.90 41.55
CA ILE A 30 -1.71 -15.22 40.97
C ILE A 30 -1.75 -16.27 42.06
N VAL A 31 -2.88 -16.97 42.14
CA VAL A 31 -3.19 -17.85 43.24
C VAL A 31 -3.40 -19.27 42.79
N ALA A 32 -2.97 -19.58 41.58
CA ALA A 32 -3.34 -20.84 40.96
C ALA A 32 -2.78 -20.95 39.55
N VAL A 33 -2.05 -22.02 39.29
CA VAL A 33 -1.57 -22.28 37.95
C VAL A 33 -1.74 -23.77 37.64
N THR A 34 -1.75 -24.09 36.36
CA THR A 34 -1.65 -25.47 35.91
C THR A 34 -1.01 -25.44 34.56
N ASP A 35 0.00 -26.26 34.38
CA ASP A 35 0.51 -26.51 33.05
C ASP A 35 0.25 -27.95 32.70
N VAL A 36 0.81 -28.40 31.59
CA VAL A 36 0.59 -29.74 31.11
C VAL A 36 1.93 -30.45 31.28
N ASN A 37 2.96 -29.63 31.37
CA ASN A 37 4.22 -30.02 31.96
C ASN A 37 4.10 -29.60 33.42
N GLN A 38 3.34 -30.37 34.19
CA GLN A 38 3.07 -30.02 35.59
C GLN A 38 4.30 -29.48 36.30
N GLU A 39 5.46 -30.07 36.02
CA GLU A 39 6.70 -29.61 36.62
C GLU A 39 7.02 -28.17 36.23
N ALA A 40 6.91 -27.85 34.93
CA ALA A 40 7.16 -26.49 34.45
C ALA A 40 6.42 -25.45 35.32
N ALA A 41 5.18 -25.78 35.67
CA ALA A 41 4.36 -24.95 36.53
C ALA A 41 4.92 -24.79 37.97
N GLN A 42 5.41 -25.87 38.56
CA GLN A 42 6.05 -25.76 39.86
C GLN A 42 7.21 -24.80 39.75
N LYS A 43 8.10 -25.05 38.79
CA LYS A 43 9.29 -24.21 38.63
C LYS A 43 8.94 -22.73 38.61
N VAL A 44 7.82 -22.38 38.00
CA VAL A 44 7.36 -21.00 37.89
C VAL A 44 6.98 -20.41 39.25
N VAL A 45 5.98 -21.03 39.90
CA VAL A 45 5.59 -20.63 41.23
C VAL A 45 6.83 -20.31 42.07
N GLU A 46 7.90 -21.07 41.89
CA GLU A 46 9.17 -20.74 42.55
C GLU A 46 9.81 -19.51 41.94
N GLN A 47 10.18 -19.60 40.67
CA GLN A 47 10.69 -18.46 39.91
C GLN A 47 10.14 -17.11 40.42
N TYR A 48 8.81 -17.01 40.54
CA TYR A 48 8.19 -15.73 40.88
C TYR A 48 7.65 -15.63 42.31
N GLN A 49 8.22 -16.41 43.23
CA GLN A 49 7.79 -16.40 44.62
C GLN A 49 6.29 -16.18 44.71
N LEU A 50 5.51 -17.05 44.09
CA LEU A 50 4.06 -16.88 44.19
C LEU A 50 3.56 -17.49 45.50
N ASN A 51 2.33 -17.15 45.87
CA ASN A 51 1.60 -17.88 46.88
C ASN A 51 0.40 -18.46 46.17
N ALA A 52 0.64 -19.45 45.30
CA ALA A 52 -0.45 -20.04 44.51
C ALA A 52 -0.47 -21.55 44.60
N THR A 53 -1.65 -22.13 44.34
CA THR A 53 -1.83 -23.58 44.26
C THR A 53 -1.42 -24.06 42.86
N VAL A 54 -0.91 -25.28 42.76
CA VAL A 54 -0.57 -25.86 41.45
C VAL A 54 -1.50 -27.01 41.06
N TYR A 55 -2.49 -26.75 40.22
CA TYR A 55 -3.42 -27.81 39.84
C TYR A 55 -2.89 -28.69 38.71
N PRO A 56 -3.36 -29.94 38.68
CA PRO A 56 -2.93 -30.91 37.67
C PRO A 56 -3.62 -30.62 36.35
N ASN A 57 -4.81 -30.03 36.43
CA ASN A 57 -5.50 -29.58 35.23
C ASN A 57 -6.41 -28.35 35.45
N ASP A 58 -6.99 -27.86 34.36
CA ASP A 58 -7.90 -26.73 34.42
C ASP A 58 -9.12 -26.96 35.28
N ASP A 59 -9.68 -28.17 35.20
CA ASP A 59 -10.85 -28.56 36.00
C ASP A 59 -10.59 -28.38 37.49
N SER A 60 -9.48 -28.93 37.93
CA SER A 60 -9.07 -28.84 39.32
C SER A 60 -9.02 -27.37 39.71
N LEU A 61 -8.44 -26.56 38.83
CA LEU A 61 -8.18 -25.16 39.11
C LEU A 61 -9.48 -24.37 39.06
N LEU A 62 -10.30 -24.62 38.04
CA LEU A 62 -11.61 -23.97 37.95
C LEU A 62 -12.48 -24.34 39.15
N ALA A 63 -12.30 -25.55 39.64
CA ALA A 63 -12.94 -25.96 40.88
C ALA A 63 -12.70 -24.85 41.92
N ASP A 64 -11.46 -24.73 42.37
CA ASP A 64 -11.05 -23.76 43.39
C ASP A 64 -11.89 -22.48 43.41
N GLU A 65 -12.21 -22.02 44.62
CA GLU A 65 -13.07 -20.85 44.77
C GLU A 65 -12.34 -19.56 45.14
N ASN A 66 -11.15 -19.68 45.70
CA ASN A 66 -10.36 -18.47 45.95
C ASN A 66 -9.84 -17.88 44.64
N VAL A 67 -10.25 -18.47 43.51
CA VAL A 67 -9.93 -17.91 42.20
C VAL A 67 -11.16 -17.45 41.42
N ASP A 68 -11.18 -16.16 41.08
CA ASP A 68 -12.33 -15.54 40.43
C ASP A 68 -12.09 -15.13 38.97
N ALA A 69 -10.88 -15.37 38.47
CA ALA A 69 -10.57 -15.09 37.08
C ALA A 69 -9.32 -15.82 36.55
N VAL A 70 -9.36 -16.21 35.28
CA VAL A 70 -8.26 -16.99 34.72
C VAL A 70 -7.68 -16.47 33.41
N LEU A 71 -6.37 -16.65 33.29
CA LEU A 71 -5.69 -16.42 32.04
C LEU A 71 -5.63 -17.72 31.28
N VAL A 72 -6.22 -17.79 30.08
CA VAL A 72 -5.94 -18.97 29.29
C VAL A 72 -4.78 -18.67 28.36
N THR A 73 -3.63 -19.22 28.67
CA THR A 73 -2.44 -18.84 27.96
C THR A 73 -1.58 -20.06 27.75
N SER A 74 -2.20 -21.08 27.21
CA SER A 74 -1.52 -22.34 26.95
C SER A 74 -1.44 -22.55 25.45
N TRP A 75 -0.98 -23.72 25.06
CA TRP A 75 -0.81 -24.10 23.67
C TRP A 75 -2.07 -23.80 22.89
N GLY A 76 -1.89 -23.30 21.67
CA GLY A 76 -3.00 -22.76 20.89
C GLY A 76 -4.27 -23.61 20.85
N PRO A 77 -4.13 -24.87 20.47
CA PRO A 77 -5.29 -25.74 20.26
C PRO A 77 -6.01 -26.10 21.54
N ALA A 78 -5.30 -26.00 22.66
CA ALA A 78 -5.88 -26.40 23.95
C ALA A 78 -6.70 -25.26 24.56
N HIS A 79 -6.74 -24.14 23.86
CA HIS A 79 -7.48 -22.98 24.34
C HIS A 79 -8.95 -23.32 24.48
N GLU A 80 -9.63 -23.50 23.36
CA GLU A 80 -11.06 -23.81 23.37
C GLU A 80 -11.51 -24.61 24.60
N SER A 81 -10.94 -25.80 24.81
CA SER A 81 -11.38 -26.66 25.91
C SER A 81 -11.37 -25.93 27.24
N SER A 82 -10.26 -25.27 27.54
CA SER A 82 -10.09 -24.57 28.82
C SER A 82 -11.12 -23.46 29.01
N VAL A 83 -11.45 -22.77 27.93
CA VAL A 83 -12.36 -21.63 28.02
C VAL A 83 -13.81 -22.02 28.31
N LEU A 84 -14.35 -22.97 27.53
CA LEU A 84 -15.70 -23.44 27.76
C LEU A 84 -15.87 -23.85 29.21
N LYS A 85 -14.86 -24.53 29.74
CA LYS A 85 -14.89 -24.97 31.12
C LYS A 85 -15.09 -23.75 32.02
N ALA A 86 -14.16 -22.81 31.93
CA ALA A 86 -14.16 -21.61 32.78
C ALA A 86 -15.45 -20.80 32.68
N ILE A 87 -16.11 -20.86 31.54
CA ILE A 87 -17.36 -20.14 31.37
C ILE A 87 -18.44 -20.78 32.25
N LYS A 88 -18.51 -22.10 32.22
CA LYS A 88 -19.46 -22.83 33.04
C LYS A 88 -19.08 -22.71 34.53
N ALA A 89 -17.80 -22.76 34.85
CA ALA A 89 -17.38 -22.51 36.22
C ALA A 89 -17.64 -21.05 36.66
N GLN A 90 -18.16 -20.24 35.74
CA GLN A 90 -18.55 -18.86 36.03
C GLN A 90 -17.41 -17.99 36.61
N LYS A 91 -16.20 -18.22 36.10
CA LYS A 91 -15.06 -17.38 36.42
C LYS A 91 -14.78 -16.50 35.20
N TYR A 92 -14.04 -15.41 35.38
CA TYR A 92 -13.69 -14.53 34.27
C TYR A 92 -12.49 -15.07 33.48
N VAL A 93 -12.55 -14.93 32.16
CA VAL A 93 -11.48 -15.47 31.35
C VAL A 93 -10.88 -14.51 30.33
N PHE A 94 -9.55 -14.37 30.38
CA PHE A 94 -8.79 -13.66 29.37
C PHE A 94 -8.01 -14.66 28.53
N CYS A 95 -8.27 -14.67 27.24
CA CYS A 95 -7.72 -15.71 26.40
C CYS A 95 -6.86 -15.13 25.29
N GLU A 96 -5.57 -15.45 25.32
CA GLU A 96 -4.67 -15.12 24.23
C GLU A 96 -5.12 -15.83 22.96
N LYS A 97 -5.00 -15.16 21.81
CA LYS A 97 -5.31 -15.79 20.53
C LYS A 97 -4.53 -17.09 20.36
N PRO A 98 -5.16 -18.12 19.77
CA PRO A 98 -6.52 -18.06 19.23
C PRO A 98 -7.55 -18.22 20.33
N LEU A 99 -8.79 -17.83 20.03
CA LEU A 99 -9.90 -18.15 20.93
C LEU A 99 -10.16 -19.64 20.86
N ALA A 100 -10.35 -20.11 19.63
CA ALA A 100 -10.48 -21.52 19.32
C ALA A 100 -9.91 -21.74 17.93
N THR A 101 -9.22 -22.85 17.72
CA THR A 101 -8.55 -23.03 16.43
C THR A 101 -9.55 -23.04 15.26
N THR A 102 -10.77 -23.49 15.51
CA THR A 102 -11.80 -23.55 14.47
C THR A 102 -12.94 -22.56 14.71
N ALA A 103 -13.62 -22.17 13.64
CA ALA A 103 -14.71 -21.20 13.75
C ALA A 103 -15.83 -21.71 14.63
N GLU A 104 -16.34 -22.91 14.34
CA GLU A 104 -17.40 -23.49 15.16
C GLU A 104 -16.98 -23.54 16.62
N GLY A 105 -15.74 -23.97 16.86
CA GLY A 105 -15.18 -23.99 18.20
C GLY A 105 -15.45 -22.66 18.88
N CYS A 106 -15.13 -21.58 18.18
CA CYS A 106 -15.46 -20.25 18.66
C CYS A 106 -16.96 -20.13 18.94
N MET A 107 -17.76 -20.62 17.99
CA MET A 107 -19.19 -20.50 18.09
C MET A 107 -19.75 -21.09 19.40
N ARG A 108 -19.27 -22.28 19.75
CA ARG A 108 -19.72 -22.94 20.96
C ARG A 108 -19.48 -22.00 22.13
N ILE A 109 -18.29 -21.39 22.13
CA ILE A 109 -17.90 -20.46 23.19
C ILE A 109 -18.80 -19.22 23.27
N VAL A 110 -19.22 -18.71 22.12
CA VAL A 110 -20.17 -17.62 22.11
C VAL A 110 -21.48 -18.04 22.79
N GLU A 111 -22.06 -19.14 22.31
CA GLU A 111 -23.33 -19.63 22.82
C GLU A 111 -23.33 -19.82 24.33
N GLU A 112 -22.27 -20.42 24.85
CA GLU A 112 -22.11 -20.54 26.29
C GLU A 112 -22.21 -19.19 27.00
N GLU A 113 -21.50 -18.20 26.48
CA GLU A 113 -21.44 -16.90 27.12
C GLU A 113 -22.79 -16.20 27.10
N ILE A 114 -23.52 -16.37 26.02
CA ILE A 114 -24.83 -15.73 25.93
C ILE A 114 -25.77 -16.30 27.00
N LYS A 115 -25.59 -17.57 27.34
CA LYS A 115 -26.33 -18.18 28.43
C LYS A 115 -25.97 -17.50 29.74
N VAL A 116 -24.70 -17.63 30.13
CA VAL A 116 -24.26 -17.17 31.45
C VAL A 116 -24.42 -15.65 31.65
N GLY A 117 -25.28 -15.04 30.85
CA GLY A 117 -25.83 -13.73 31.14
C GLY A 117 -24.95 -12.51 30.94
N LYS A 118 -23.65 -12.65 31.14
CA LYS A 118 -22.77 -11.49 31.03
C LYS A 118 -21.48 -11.69 30.26
N ARG A 119 -20.59 -10.72 30.39
CA ARG A 119 -19.32 -10.76 29.70
C ARG A 119 -18.25 -11.29 30.65
N LEU A 120 -17.71 -12.48 30.36
CA LEU A 120 -16.57 -12.99 31.12
C LEU A 120 -15.34 -13.22 30.23
N VAL A 121 -15.54 -13.18 28.91
CA VAL A 121 -14.45 -13.44 27.96
C VAL A 121 -13.84 -12.20 27.32
N GLN A 122 -12.54 -12.04 27.52
CA GLN A 122 -11.77 -11.00 26.84
C GLN A 122 -10.67 -11.68 26.03
N VAL A 123 -10.63 -11.40 24.73
CA VAL A 123 -9.59 -11.97 23.86
C VAL A 123 -8.36 -11.06 23.72
N GLY A 124 -7.18 -11.65 23.82
CA GLY A 124 -5.94 -10.89 23.90
C GLY A 124 -5.37 -10.23 22.65
N PHE A 125 -6.24 -9.55 21.90
CA PHE A 125 -5.83 -8.74 20.77
C PHE A 125 -5.38 -7.37 21.28
N MET A 126 -4.13 -7.28 21.72
CA MET A 126 -3.59 -6.10 22.42
C MET A 126 -3.43 -4.83 21.55
N ARG A 127 -3.42 -5.02 20.24
CA ARG A 127 -3.31 -3.88 19.38
C ARG A 127 -4.30 -2.76 19.73
N ARG A 128 -5.44 -3.11 20.29
CA ARG A 128 -6.46 -2.09 20.52
C ARG A 128 -6.03 -1.21 21.66
N TYR A 129 -4.97 -1.60 22.36
CA TYR A 129 -4.53 -0.84 23.52
C TYR A 129 -3.23 -0.10 23.25
N ASP A 130 -2.73 -0.22 22.02
CA ASP A 130 -1.51 0.47 21.64
C ASP A 130 -1.83 1.94 21.44
N SER A 131 -0.92 2.81 21.87
CA SER A 131 -1.26 4.24 21.89
C SER A 131 -1.47 4.80 20.47
N GLY A 132 -0.68 4.30 19.52
CA GLY A 132 -0.84 4.69 18.14
C GLY A 132 -2.18 4.22 17.60
N TYR A 133 -2.48 2.94 17.78
CA TYR A 133 -3.74 2.42 17.28
C TYR A 133 -4.90 3.13 17.89
N VAL A 134 -4.74 3.54 19.14
CA VAL A 134 -5.78 4.31 19.79
C VAL A 134 -5.96 5.68 19.21
N GLN A 135 -4.87 6.37 18.88
CA GLN A 135 -5.01 7.67 18.22
C GLN A 135 -5.74 7.54 16.90
N LEU A 136 -5.50 6.43 16.21
CA LEU A 136 -6.19 6.15 14.98
C LEU A 136 -7.68 6.04 15.25
N LYS A 137 -8.03 5.17 16.20
CA LYS A 137 -9.43 5.00 16.57
C LYS A 137 -10.00 6.39 16.79
N GLU A 138 -9.41 7.12 17.73
CA GLU A 138 -9.87 8.46 18.09
C GLU A 138 -10.11 9.37 16.89
N ALA A 139 -9.12 9.49 16.02
CA ALA A 139 -9.30 10.29 14.81
C ALA A 139 -10.57 9.90 14.02
N LEU A 140 -10.66 8.64 13.62
CA LEU A 140 -11.81 8.17 12.88
C LEU A 140 -13.13 8.45 13.57
N ASP A 141 -13.21 8.12 14.85
CA ASP A 141 -14.39 8.39 15.66
C ASP A 141 -14.74 9.87 15.60
N ASN A 142 -13.76 10.68 15.24
CA ASN A 142 -13.96 12.12 15.14
C ASN A 142 -14.15 12.60 13.71
N HIS A 143 -14.11 11.67 12.76
CA HIS A 143 -14.43 11.95 11.36
C HIS A 143 -13.37 12.79 10.66
N VAL A 144 -12.32 13.10 11.41
CA VAL A 144 -11.20 13.84 10.91
C VAL A 144 -11.03 13.68 9.40
N ILE A 145 -10.94 12.46 8.91
CA ILE A 145 -10.63 12.22 7.51
C ILE A 145 -11.83 11.73 6.71
N GLY A 146 -13.02 11.98 7.25
CA GLY A 146 -14.26 11.53 6.61
C GLY A 146 -14.34 10.03 6.40
N GLU A 147 -15.20 9.60 5.49
CA GLU A 147 -15.41 8.19 5.23
C GLU A 147 -14.16 7.46 4.75
N PRO A 148 -13.66 6.51 5.56
CA PRO A 148 -12.57 5.60 5.20
C PRO A 148 -12.85 4.85 3.91
N LEU A 149 -11.85 4.77 3.06
CA LEU A 149 -12.02 4.19 1.74
C LEU A 149 -11.07 3.04 1.47
N MET A 150 -9.79 3.23 1.77
CA MET A 150 -8.86 2.13 1.60
C MET A 150 -7.88 2.08 2.75
N ILE A 151 -7.24 0.92 2.92
CA ILE A 151 -6.27 0.78 3.96
C ILE A 151 -5.06 0.03 3.43
N HIS A 152 -3.86 0.60 3.62
CA HIS A 152 -2.64 -0.07 3.21
C HIS A 152 -1.93 -0.37 4.49
N CYS A 153 -1.43 -1.59 4.65
CA CYS A 153 -0.76 -1.94 5.89
C CYS A 153 0.11 -3.13 5.67
N ALA A 154 1.03 -3.39 6.60
CA ALA A 154 2.04 -4.39 6.37
C ALA A 154 2.47 -4.94 7.69
N HIS A 155 2.86 -6.20 7.71
CA HIS A 155 3.25 -6.84 8.94
C HIS A 155 4.49 -7.61 8.59
N ARG A 156 5.64 -7.21 9.10
CA ARG A 156 6.90 -7.79 8.61
C ARG A 156 7.81 -8.35 9.70
N ASN A 157 8.29 -9.56 9.49
CA ASN A 157 9.23 -10.17 10.40
C ASN A 157 10.63 -10.16 9.81
N PRO A 158 11.64 -10.13 10.68
CA PRO A 158 12.99 -10.20 10.12
C PRO A 158 13.18 -11.59 9.50
N THR A 159 12.78 -12.60 10.26
CA THR A 159 12.83 -13.97 9.79
C THR A 159 11.86 -14.82 10.61
N VAL A 160 11.86 -16.13 10.37
CA VAL A 160 11.00 -17.02 11.14
C VAL A 160 11.71 -18.34 11.36
N GLY A 161 11.10 -19.22 12.14
CA GLY A 161 11.67 -20.52 12.39
C GLY A 161 11.44 -21.45 11.22
N ASP A 162 12.17 -22.57 11.19
CA ASP A 162 11.94 -23.59 10.17
C ASP A 162 10.50 -24.10 10.30
N ASN A 163 9.99 -23.96 11.52
CA ASN A 163 8.65 -24.35 11.89
C ASN A 163 7.52 -23.56 11.20
N TYR A 164 7.86 -22.49 10.49
CA TYR A 164 6.84 -21.57 9.99
C TYR A 164 6.25 -22.03 8.66
N THR A 165 4.93 -22.18 8.64
CA THR A 165 4.25 -22.77 7.49
C THR A 165 3.34 -21.77 6.76
N THR A 166 3.27 -21.94 5.44
CA THR A 166 2.57 -21.02 4.53
C THR A 166 1.18 -20.59 4.94
N ASP A 167 0.62 -21.20 5.96
CA ASP A 167 -0.70 -20.80 6.39
C ASP A 167 -0.60 -19.98 7.66
N MET A 168 0.47 -20.19 8.42
CA MET A 168 0.69 -19.48 9.67
C MET A 168 0.64 -17.98 9.43
N ALA A 169 1.06 -17.57 8.24
CA ALA A 169 0.94 -16.19 7.82
C ALA A 169 -0.42 -15.58 8.13
N VAL A 170 -1.48 -16.21 7.63
CA VAL A 170 -2.83 -15.71 7.87
C VAL A 170 -3.44 -16.20 9.17
N VAL A 171 -2.78 -17.13 9.84
CA VAL A 171 -3.37 -17.74 11.03
C VAL A 171 -2.78 -17.19 12.33
N ASP A 172 -1.46 -17.23 12.44
CA ASP A 172 -0.79 -16.73 13.61
C ASP A 172 -0.53 -15.24 13.48
N THR A 173 -0.29 -14.80 12.25
CA THR A 173 0.32 -13.50 12.03
C THR A 173 -0.62 -12.37 11.65
N LEU A 174 -1.35 -12.56 10.57
CA LEU A 174 -2.23 -11.51 10.08
C LEU A 174 -3.44 -11.38 10.99
N VAL A 175 -3.53 -12.27 11.96
CA VAL A 175 -4.70 -12.25 12.81
C VAL A 175 -4.88 -10.90 13.55
N HIS A 176 -3.78 -10.29 14.01
CA HIS A 176 -3.89 -9.01 14.73
C HIS A 176 -4.51 -7.88 13.92
N GLU A 177 -4.08 -7.78 12.66
CA GLU A 177 -4.65 -6.83 11.73
C GLU A 177 -6.13 -7.14 11.55
N ILE A 178 -6.41 -8.42 11.27
CA ILE A 178 -7.78 -8.88 11.06
C ILE A 178 -8.71 -8.47 12.19
N ASP A 179 -8.18 -8.42 13.40
CA ASP A 179 -8.95 -7.89 14.50
C ASP A 179 -8.97 -6.38 14.51
N VAL A 180 -7.79 -5.78 14.52
CA VAL A 180 -7.73 -4.32 14.70
C VAL A 180 -8.38 -3.55 13.55
N LEU A 181 -8.21 -4.03 12.33
CA LEU A 181 -8.73 -3.30 11.20
C LEU A 181 -10.23 -3.07 11.32
N HIS A 182 -11.01 -4.15 11.34
CA HIS A 182 -12.46 -4.00 11.43
C HIS A 182 -12.83 -3.31 12.74
N TRP A 183 -12.06 -3.56 13.79
CA TRP A 183 -12.32 -2.81 15.01
C TRP A 183 -12.40 -1.32 14.73
N LEU A 184 -11.36 -0.81 14.04
CA LEU A 184 -11.18 0.60 13.74
C LEU A 184 -12.29 1.21 12.91
N VAL A 185 -12.54 0.58 11.76
CA VAL A 185 -13.48 1.09 10.78
C VAL A 185 -14.92 0.75 11.11
N ASN A 186 -15.10 -0.16 12.06
CA ASN A 186 -16.43 -0.61 12.41
C ASN A 186 -17.22 -1.08 11.18
N ASP A 187 -16.65 -2.05 10.47
CA ASP A 187 -17.29 -2.69 9.34
C ASP A 187 -16.94 -4.17 9.38
N ASP A 188 -17.73 -4.99 8.68
CA ASP A 188 -17.46 -6.42 8.64
C ASP A 188 -16.81 -6.84 7.33
N TYR A 189 -16.04 -7.91 7.37
CA TYR A 189 -15.34 -8.35 6.19
C TYR A 189 -16.26 -9.13 5.25
N GLU A 190 -16.41 -8.61 4.03
CA GLU A 190 -17.16 -9.31 2.98
C GLU A 190 -16.35 -10.41 2.32
N SER A 191 -15.35 -10.05 1.51
CA SER A 191 -14.48 -11.03 0.86
C SER A 191 -13.00 -10.90 1.20
N VAL A 192 -12.24 -11.96 0.95
CA VAL A 192 -10.79 -11.92 1.00
C VAL A 192 -10.24 -12.51 -0.29
N GLN A 193 -8.93 -12.40 -0.50
CA GLN A 193 -8.30 -12.90 -1.71
C GLN A 193 -6.82 -12.80 -1.47
N VAL A 194 -6.06 -13.73 -2.02
CA VAL A 194 -4.65 -13.80 -1.74
C VAL A 194 -3.83 -13.79 -3.02
N ILE A 195 -2.74 -13.04 -3.03
CA ILE A 195 -1.84 -12.95 -4.18
C ILE A 195 -0.40 -13.17 -3.75
N TYR A 196 0.28 -14.12 -4.37
CA TYR A 196 1.64 -14.46 -3.98
C TYR A 196 2.68 -13.82 -4.87
N PRO A 197 3.48 -12.90 -4.31
CA PRO A 197 4.50 -12.30 -5.16
C PRO A 197 5.67 -13.27 -5.28
N LYS A 198 6.59 -12.93 -6.17
CA LYS A 198 7.84 -13.67 -6.36
C LYS A 198 8.46 -14.08 -5.01
N LYS A 199 8.37 -15.35 -4.66
CA LYS A 199 8.94 -15.87 -3.40
C LYS A 199 10.31 -15.29 -3.10
N SER A 200 10.62 -15.09 -1.83
CA SER A 200 11.83 -14.36 -1.42
C SER A 200 13.01 -15.26 -1.05
N LYS A 201 14.21 -14.83 -1.41
CA LYS A 201 15.42 -15.60 -1.15
C LYS A 201 15.60 -15.92 0.34
N ASN A 202 15.07 -15.05 1.20
CA ASN A 202 15.26 -15.19 2.63
C ASN A 202 14.31 -16.20 3.26
N ALA A 203 13.41 -16.72 2.43
CA ALA A 203 12.42 -17.70 2.87
C ALA A 203 12.80 -19.12 2.46
N LEU A 204 12.56 -20.08 3.35
CA LEU A 204 12.75 -21.49 3.04
C LEU A 204 11.71 -21.93 2.00
N PRO A 205 12.06 -22.91 1.16
CA PRO A 205 11.23 -23.25 0.00
C PRO A 205 9.86 -23.84 0.35
N HIS A 206 9.73 -24.42 1.54
CA HIS A 206 8.45 -24.98 1.96
C HIS A 206 7.46 -23.91 2.39
N LEU A 207 7.84 -22.65 2.20
CA LEU A 207 7.08 -21.49 2.66
C LEU A 207 6.90 -20.42 1.59
N LYS A 208 5.66 -19.92 1.45
CA LYS A 208 5.34 -18.86 0.49
C LYS A 208 5.39 -17.47 1.12
N ASP A 209 6.51 -16.78 0.93
CA ASP A 209 6.77 -15.50 1.55
C ASP A 209 7.32 -14.59 0.49
N PRO A 210 6.76 -13.40 0.32
CA PRO A 210 5.65 -12.70 0.97
C PRO A 210 4.32 -13.20 0.49
N GLN A 211 3.26 -12.57 0.98
CA GLN A 211 1.91 -12.78 0.47
C GLN A 211 1.23 -11.45 0.56
N ILE A 212 0.22 -11.24 -0.27
CA ILE A 212 -0.58 -10.03 -0.16
C ILE A 212 -1.99 -10.48 0.06
N VAL A 213 -2.73 -9.78 0.90
CA VAL A 213 -4.08 -10.21 1.13
C VAL A 213 -5.03 -9.05 0.94
N VAL A 214 -5.88 -9.14 -0.06
CA VAL A 214 -6.82 -8.06 -0.26
C VAL A 214 -8.10 -8.42 0.49
N ILE A 215 -8.75 -7.44 1.09
CA ILE A 215 -9.95 -7.72 1.83
C ILE A 215 -10.96 -6.62 1.60
N GLU A 216 -12.22 -6.96 1.32
CA GLU A 216 -13.25 -5.93 1.17
C GLU A 216 -14.20 -5.99 2.33
N THR A 217 -14.74 -4.87 2.73
CA THR A 217 -15.67 -4.90 3.82
C THR A 217 -17.05 -4.82 3.22
N LYS A 218 -18.07 -4.95 4.05
CA LYS A 218 -19.45 -4.82 3.59
C LYS A 218 -19.62 -3.45 2.97
N GLY A 219 -19.12 -2.43 3.66
CA GLY A 219 -19.32 -1.06 3.26
C GLY A 219 -18.67 -0.63 1.95
N GLY A 220 -17.55 -1.26 1.60
CA GLY A 220 -16.85 -0.92 0.37
C GLY A 220 -15.41 -0.50 0.59
N ILE A 221 -14.93 -0.70 1.81
CA ILE A 221 -13.55 -0.34 2.12
C ILE A 221 -12.63 -1.41 1.59
N VAL A 222 -11.52 -1.01 1.00
CA VAL A 222 -10.58 -2.00 0.49
C VAL A 222 -9.24 -1.94 1.22
N ILE A 223 -8.71 -3.11 1.54
CA ILE A 223 -7.53 -3.21 2.35
C ILE A 223 -6.50 -3.99 1.57
N ASN A 224 -5.27 -3.53 1.48
CA ASN A 224 -4.27 -4.48 1.07
C ASN A 224 -3.22 -4.59 2.13
N ALA A 225 -2.91 -5.83 2.48
CA ALA A 225 -2.14 -6.08 3.66
C ALA A 225 -0.89 -6.89 3.31
N GLU A 226 0.26 -6.26 3.31
CA GLU A 226 1.43 -7.02 2.99
C GLU A 226 1.74 -7.88 4.20
N ILE A 227 2.21 -9.09 3.98
CA ILE A 227 2.70 -9.93 5.05
C ILE A 227 4.02 -10.47 4.59
N TYR A 228 5.09 -10.13 5.28
CA TYR A 228 6.36 -10.60 4.80
C TYR A 228 7.29 -10.89 5.97
N VAL A 229 7.50 -12.18 6.22
CA VAL A 229 8.12 -12.57 7.46
C VAL A 229 9.60 -12.93 7.36
N ASN A 230 10.19 -12.69 6.19
CA ASN A 230 11.63 -12.87 6.02
C ASN A 230 12.28 -11.64 5.39
N CYS A 231 11.90 -10.47 5.90
CA CYS A 231 12.25 -9.21 5.25
C CYS A 231 13.63 -8.77 5.67
N LYS A 232 14.18 -9.49 6.64
CA LYS A 232 15.60 -9.37 7.00
C LYS A 232 16.00 -8.08 7.75
N TYR A 233 15.38 -6.95 7.38
CA TYR A 233 15.78 -5.66 7.94
C TYR A 233 15.30 -5.40 9.36
N GLY A 234 14.07 -5.82 9.67
CA GLY A 234 13.55 -5.71 11.02
C GLY A 234 12.13 -6.24 11.24
N TYR A 235 11.54 -5.87 12.37
CA TYR A 235 10.17 -6.22 12.64
C TYR A 235 9.45 -4.87 12.57
N ASP A 236 8.38 -4.75 11.79
CA ASP A 236 7.85 -3.45 11.41
C ASP A 236 6.37 -3.59 11.07
N ILE A 237 5.51 -2.81 11.71
CA ILE A 237 4.08 -2.94 11.52
C ILE A 237 3.69 -1.59 10.96
N GLN A 238 2.89 -1.55 9.92
CA GLN A 238 2.64 -0.28 9.28
C GLN A 238 1.20 -0.27 8.91
N CYS A 239 0.53 0.85 9.10
CA CYS A 239 -0.85 0.89 8.72
C CYS A 239 -1.26 2.30 8.32
N GLU A 240 -1.76 2.46 7.10
CA GLU A 240 -2.22 3.75 6.59
C GLU A 240 -3.67 3.65 6.16
N ILE A 241 -4.49 4.53 6.71
CA ILE A 241 -5.89 4.54 6.34
C ILE A 241 -6.24 5.74 5.47
N VAL A 242 -6.52 5.51 4.20
CA VAL A 242 -6.93 6.59 3.35
C VAL A 242 -8.42 6.90 3.47
N GLY A 243 -8.76 8.15 3.70
CA GLY A 243 -10.16 8.52 3.89
C GLY A 243 -10.68 9.41 2.78
N GLU A 244 -11.94 9.84 2.91
CA GLU A 244 -12.55 10.67 1.89
C GLU A 244 -11.75 11.94 1.72
N ASP A 245 -11.39 12.55 2.83
CA ASP A 245 -10.78 13.86 2.78
C ASP A 245 -9.40 13.93 3.39
N GLY A 246 -8.88 12.82 3.87
CA GLY A 246 -7.61 12.88 4.54
C GLY A 246 -6.98 11.54 4.74
N ILE A 247 -5.70 11.53 5.11
CA ILE A 247 -5.01 10.29 5.42
C ILE A 247 -4.38 10.30 6.81
N ILE A 248 -4.63 9.24 7.58
CA ILE A 248 -3.96 9.06 8.87
C ILE A 248 -3.14 7.81 8.83
N LYS A 249 -2.08 7.75 9.61
CA LYS A 249 -1.15 6.65 9.47
C LYS A 249 -0.47 6.36 10.78
N LEU A 250 -0.32 5.08 11.10
CA LEU A 250 0.31 4.66 12.33
C LEU A 250 1.75 5.17 12.37
N PRO A 251 2.24 5.55 13.57
CA PRO A 251 3.58 6.09 13.86
C PRO A 251 4.62 5.01 13.85
N GLU A 252 5.90 5.38 13.81
CA GLU A 252 6.97 4.44 14.10
C GLU A 252 7.12 4.34 15.61
N PRO A 253 7.72 3.25 16.08
CA PRO A 253 8.11 3.26 17.49
C PRO A 253 9.06 4.43 17.76
N SER A 254 8.86 5.14 18.87
CA SER A 254 9.79 6.18 19.33
C SER A 254 11.28 5.79 19.21
N SER A 255 12.08 6.71 18.69
CA SER A 255 13.51 6.42 18.51
C SER A 255 14.39 7.67 18.37
N ILE A 256 15.59 7.63 18.93
CA ILE A 256 16.46 8.77 18.73
C ILE A 256 17.04 8.78 17.33
N SER A 257 17.04 9.97 16.72
CA SER A 257 17.57 10.12 15.37
C SER A 257 19.07 10.09 15.46
N LEU A 258 19.76 9.65 14.41
CA LEU A 258 21.21 9.70 14.41
C LEU A 258 21.76 10.29 13.10
N ARG A 259 22.79 11.11 13.21
CA ARG A 259 23.50 11.61 12.03
C ARG A 259 24.91 11.09 12.07
N LYS A 260 25.24 10.15 11.20
CA LYS A 260 26.56 9.54 11.23
C LYS A 260 26.82 8.87 9.91
N GLU A 261 28.08 8.86 9.49
CA GLU A 261 28.51 8.15 8.29
C GLU A 261 27.58 8.32 7.09
N GLY A 262 27.25 9.55 6.74
CA GLY A 262 26.45 9.78 5.55
C GLY A 262 24.95 9.58 5.65
N ARG A 263 24.47 8.91 6.70
CA ARG A 263 23.04 8.67 6.82
C ARG A 263 22.33 9.37 8.01
N PHE A 264 21.06 9.73 7.85
CA PHE A 264 20.25 10.32 8.92
C PHE A 264 19.12 9.35 9.32
N SER A 265 19.44 8.44 10.23
CA SER A 265 18.59 7.30 10.56
C SER A 265 17.77 7.39 11.86
N THR A 266 16.74 6.56 11.95
CA THR A 266 16.10 6.27 13.22
C THR A 266 16.27 4.76 13.44
N ASP A 267 15.92 4.24 14.61
CA ASP A 267 16.03 2.79 14.85
C ASP A 267 14.80 2.00 14.44
N ILE A 268 15.06 0.78 13.96
CA ILE A 268 14.02 -0.20 13.70
C ILE A 268 14.19 -1.40 14.62
N LEU A 269 13.10 -1.81 15.24
CA LEU A 269 13.11 -2.94 16.18
C LEU A 269 13.34 -4.27 15.48
N MET A 270 13.98 -5.19 16.18
CA MET A 270 14.31 -6.49 15.62
C MET A 270 13.56 -7.62 16.31
N ASP A 271 12.73 -7.28 17.28
CA ASP A 271 12.28 -8.25 18.26
C ASP A 271 10.80 -8.01 18.60
N TRP A 272 9.91 -8.74 17.94
CA TRP A 272 8.48 -8.51 18.13
C TRP A 272 8.09 -8.33 19.60
N GLN A 273 8.86 -8.93 20.49
CA GLN A 273 8.57 -8.81 21.91
C GLN A 273 8.50 -7.35 22.34
N ARG A 274 9.36 -6.50 21.76
CA ARG A 274 9.45 -5.10 22.16
C ARG A 274 8.33 -4.19 21.65
N ARG A 275 7.88 -4.42 20.42
CA ARG A 275 6.90 -3.53 19.79
C ARG A 275 5.66 -3.21 20.62
N PHE A 276 5.17 -4.17 21.41
CA PHE A 276 3.87 -3.99 22.05
C PHE A 276 3.82 -4.11 23.58
N VAL A 277 4.99 -4.27 24.19
CA VAL A 277 5.07 -4.47 25.61
C VAL A 277 4.09 -3.60 26.39
N ALA A 278 3.91 -2.35 25.99
CA ALA A 278 3.03 -1.48 26.74
C ALA A 278 1.57 -1.74 26.46
N ALA A 279 1.27 -2.30 25.31
CA ALA A 279 -0.11 -2.62 25.01
C ALA A 279 -0.57 -3.79 25.89
N TYR A 280 0.32 -4.75 26.13
CA TYR A 280 0.03 -5.84 27.03
C TYR A 280 -0.27 -5.30 28.40
N ASP A 281 0.66 -4.53 28.94
CA ASP A 281 0.47 -3.95 30.26
C ASP A 281 -0.88 -3.26 30.39
N VAL A 282 -1.25 -2.49 29.37
CA VAL A 282 -2.51 -1.77 29.44
C VAL A 282 -3.68 -2.73 29.35
N GLU A 283 -3.57 -3.66 28.43
CA GLU A 283 -4.58 -4.66 28.15
C GLU A 283 -4.92 -5.42 29.42
N ILE A 284 -3.91 -5.87 30.13
CA ILE A 284 -4.16 -6.70 31.29
C ILE A 284 -4.70 -5.86 32.42
N GLN A 285 -4.09 -4.71 32.65
CA GLN A 285 -4.60 -3.81 33.67
C GLN A 285 -6.07 -3.49 33.44
N ASP A 286 -6.50 -3.54 32.18
CA ASP A 286 -7.87 -3.21 31.84
C ASP A 286 -8.79 -4.35 32.15
N PHE A 287 -8.33 -5.57 31.89
CA PHE A 287 -9.02 -6.76 32.38
C PHE A 287 -9.24 -6.63 33.90
N ILE A 288 -8.18 -6.45 34.66
CA ILE A 288 -8.29 -6.29 36.10
C ILE A 288 -9.26 -5.18 36.48
N ASP A 289 -8.83 -3.92 36.34
CA ASP A 289 -9.67 -2.78 36.68
C ASP A 289 -11.09 -2.94 36.15
N SER A 290 -11.23 -3.41 34.91
CA SER A 290 -12.57 -3.53 34.35
C SER A 290 -13.43 -4.47 35.17
N ILE A 291 -12.85 -5.59 35.58
CA ILE A 291 -13.57 -6.59 36.37
C ILE A 291 -14.01 -6.05 37.73
N GLN A 292 -13.05 -5.56 38.50
CA GLN A 292 -13.30 -5.15 39.87
C GLN A 292 -14.33 -4.01 39.99
N LYS A 293 -14.40 -3.18 38.96
CA LYS A 293 -15.24 -2.00 39.03
C LYS A 293 -16.38 -2.05 38.02
N LYS A 294 -16.80 -3.25 37.61
CA LYS A 294 -17.88 -3.37 36.62
C LYS A 294 -18.52 -4.74 36.56
N GLY A 295 -17.90 -5.73 37.17
CA GLY A 295 -18.47 -7.06 37.15
C GLY A 295 -18.53 -7.69 35.77
N GLU A 296 -17.88 -7.06 34.79
CA GLU A 296 -17.69 -7.68 33.48
C GLU A 296 -16.40 -7.22 32.79
N VAL A 297 -15.89 -8.03 31.86
CA VAL A 297 -14.67 -7.65 31.17
C VAL A 297 -15.01 -6.63 30.08
N SER A 298 -14.02 -6.08 29.37
CA SER A 298 -14.31 -4.98 28.45
C SER A 298 -13.80 -5.08 27.01
N GLY A 299 -12.59 -5.58 26.82
CA GLY A 299 -11.90 -5.46 25.55
C GLY A 299 -12.53 -6.26 24.42
N PRO A 300 -11.69 -6.83 23.54
CA PRO A 300 -12.15 -7.67 22.43
C PRO A 300 -13.03 -8.86 22.91
N THR A 301 -14.25 -8.89 22.40
CA THR A 301 -15.25 -9.85 22.84
C THR A 301 -15.03 -11.24 22.28
N ALA A 302 -15.79 -12.20 22.81
CA ALA A 302 -15.72 -13.56 22.34
C ALA A 302 -16.13 -13.55 20.91
N TRP A 303 -17.03 -12.60 20.61
CA TRP A 303 -17.53 -12.48 19.26
C TRP A 303 -16.40 -12.08 18.34
N ASP A 304 -15.64 -11.09 18.78
CA ASP A 304 -14.58 -10.51 17.96
C ASP A 304 -13.60 -11.60 17.56
N GLY A 305 -13.43 -12.57 18.46
CA GLY A 305 -12.55 -13.71 18.22
C GLY A 305 -13.11 -14.66 17.17
N TYR A 306 -14.42 -14.85 17.19
CA TYR A 306 -15.08 -15.66 16.19
C TYR A 306 -14.85 -15.00 14.84
N ILE A 307 -15.07 -13.70 14.80
CA ILE A 307 -14.92 -12.97 13.55
C ILE A 307 -13.55 -13.27 13.00
N ALA A 308 -12.56 -13.28 13.87
CA ALA A 308 -11.21 -13.65 13.46
C ALA A 308 -11.19 -15.02 12.80
N ALA A 309 -11.68 -16.03 13.52
CA ALA A 309 -11.62 -17.42 13.05
C ALA A 309 -12.23 -17.60 11.66
N VAL A 310 -13.43 -17.07 11.45
CA VAL A 310 -14.08 -17.21 10.18
C VAL A 310 -13.17 -16.66 9.12
N THR A 311 -12.63 -15.47 9.41
CA THR A 311 -11.90 -14.71 8.42
C THR A 311 -10.57 -15.39 8.11
N THR A 312 -9.91 -15.89 9.15
CA THR A 312 -8.76 -16.78 8.95
C THR A 312 -9.13 -17.95 8.04
N ASP A 313 -10.33 -18.47 8.20
CA ASP A 313 -10.79 -19.56 7.35
C ASP A 313 -10.78 -19.10 5.90
N ALA A 314 -11.61 -18.10 5.60
CA ALA A 314 -11.68 -17.55 4.25
C ALA A 314 -10.29 -17.28 3.68
N CYS A 315 -9.34 -16.97 4.54
CA CYS A 315 -7.99 -16.67 4.09
C CYS A 315 -7.25 -17.90 3.60
N VAL A 316 -7.23 -18.96 4.40
CA VAL A 316 -6.52 -20.18 4.04
C VAL A 316 -7.22 -20.82 2.86
N LYS A 317 -8.51 -20.54 2.75
CA LYS A 317 -9.28 -20.99 1.60
C LYS A 317 -8.70 -20.28 0.39
N ALA A 318 -8.60 -18.96 0.45
CA ALA A 318 -8.05 -18.19 -0.65
C ALA A 318 -6.59 -18.51 -0.89
N GLN A 319 -5.92 -19.02 0.14
CA GLN A 319 -4.51 -19.36 0.05
C GLN A 319 -4.29 -20.47 -0.96
N GLU A 320 -5.24 -21.39 -0.98
CA GLU A 320 -5.11 -22.61 -1.78
C GLU A 320 -5.78 -22.47 -3.13
N SER A 321 -6.83 -21.66 -3.18
CA SER A 321 -7.59 -21.44 -4.41
C SER A 321 -7.08 -20.25 -5.23
N GLY A 322 -6.25 -19.40 -4.62
CA GLY A 322 -5.89 -18.14 -5.24
C GLY A 322 -7.13 -17.52 -5.88
N GLN A 323 -8.27 -17.72 -5.24
CA GLN A 323 -9.55 -17.26 -5.75
C GLN A 323 -10.21 -16.38 -4.70
N LYS A 324 -11.09 -15.48 -5.14
CA LYS A 324 -11.76 -14.56 -4.21
C LYS A 324 -12.80 -15.25 -3.32
N GLU A 325 -12.34 -15.87 -2.23
CA GLU A 325 -13.24 -16.53 -1.28
C GLU A 325 -14.21 -15.57 -0.60
N LYS A 326 -15.43 -16.03 -0.30
CA LYS A 326 -16.39 -15.26 0.47
C LYS A 326 -16.17 -15.48 1.97
N VAL A 327 -16.62 -14.54 2.78
CA VAL A 327 -16.53 -14.67 4.24
C VAL A 327 -17.95 -14.62 4.78
N GLU A 328 -18.51 -15.78 5.10
CA GLU A 328 -19.90 -15.87 5.55
C GLU A 328 -19.98 -15.77 7.07
N LEU A 329 -20.41 -14.60 7.55
CA LEU A 329 -20.49 -14.35 8.98
C LEU A 329 -21.91 -14.49 9.47
N LYS A 330 -22.08 -15.16 10.61
CA LYS A 330 -23.40 -15.34 11.17
C LYS A 330 -23.95 -14.08 11.84
N GLU A 331 -25.26 -14.07 12.04
CA GLU A 331 -25.94 -13.03 12.80
C GLU A 331 -25.12 -12.59 13.99
N LYS A 332 -25.01 -11.29 14.20
CA LYS A 332 -24.41 -10.78 15.42
C LYS A 332 -25.49 -10.73 16.51
N PRO A 333 -25.38 -11.61 17.50
CA PRO A 333 -26.32 -11.71 18.64
C PRO A 333 -26.53 -10.38 19.35
N GLU A 334 -27.79 -10.02 19.60
CA GLU A 334 -28.10 -8.76 20.26
C GLU A 334 -27.22 -8.63 21.51
N PHE A 335 -27.05 -9.75 22.18
CA PHE A 335 -26.18 -9.80 23.33
C PHE A 335 -25.04 -8.78 23.20
N TYR A 336 -24.35 -8.83 22.07
CA TYR A 336 -23.24 -7.90 21.83
C TYR A 336 -23.66 -6.58 21.18
N GLN A 337 -23.73 -5.52 22.00
CA GLN A 337 -23.91 -4.13 21.56
C GLN A 337 -25.27 -3.53 21.91
N MET B 1 25.83 26.85 -32.69
CA MET B 1 24.74 26.67 -33.65
C MET B 1 23.61 25.79 -33.06
N SER B 2 22.49 26.43 -32.71
CA SER B 2 21.43 25.80 -31.91
C SER B 2 20.40 24.95 -32.68
N LEU B 3 19.65 24.12 -31.96
CA LEU B 3 18.67 23.22 -32.56
C LEU B 3 17.37 23.93 -32.82
N ARG B 4 16.86 23.76 -34.04
CA ARG B 4 15.68 24.49 -34.48
C ARG B 4 14.41 23.64 -34.39
N ILE B 5 13.51 24.10 -33.53
CA ILE B 5 12.36 23.30 -33.10
C ILE B 5 11.02 23.87 -33.49
N GLY B 6 10.20 22.98 -34.04
CA GLY B 6 8.83 23.30 -34.40
C GLY B 6 7.85 22.68 -33.43
N VAL B 7 6.88 23.48 -33.01
CA VAL B 7 5.91 23.01 -32.05
C VAL B 7 4.55 22.85 -32.70
N ILE B 8 4.08 21.61 -32.73
CA ILE B 8 2.73 21.32 -33.17
C ILE B 8 1.81 21.17 -31.96
N GLY B 9 0.95 22.16 -31.73
CA GLY B 9 0.08 22.14 -30.59
C GLY B 9 0.42 23.27 -29.63
N THR B 10 -0.05 24.46 -29.95
CA THR B 10 0.25 25.65 -29.15
C THR B 10 -0.72 25.78 -27.98
N GLY B 11 -0.98 24.66 -27.30
CA GLY B 11 -1.87 24.61 -26.16
C GLY B 11 -1.18 24.88 -24.84
N ALA B 12 -1.91 24.76 -23.75
CA ALA B 12 -1.35 25.04 -22.43
C ALA B 12 0.04 24.39 -22.22
N ILE B 13 0.14 23.09 -22.46
CA ILE B 13 1.39 22.39 -22.17
C ILE B 13 2.48 22.65 -23.22
N GLY B 14 2.07 22.82 -24.48
CA GLY B 14 2.98 23.23 -25.53
C GLY B 14 3.52 24.61 -25.22
N LYS B 15 2.69 25.45 -24.61
CA LYS B 15 3.10 26.79 -24.23
C LYS B 15 4.16 26.73 -23.14
N GLU B 16 3.97 25.80 -22.21
CA GLU B 16 4.89 25.69 -21.11
C GLU B 16 6.27 25.32 -21.64
N HIS B 17 6.28 24.41 -22.59
CA HIS B 17 7.53 24.00 -23.22
C HIS B 17 8.16 25.13 -24.02
N ILE B 18 7.37 25.81 -24.82
CA ILE B 18 7.91 26.90 -25.61
C ILE B 18 8.57 27.88 -24.68
N ASN B 19 7.95 28.08 -23.51
CA ASN B 19 8.48 29.00 -22.53
C ASN B 19 9.81 28.52 -21.94
N ARG B 20 9.87 27.27 -21.51
CA ARG B 20 11.11 26.81 -20.89
C ARG B 20 12.24 26.84 -21.91
N ILE B 21 11.99 26.31 -23.10
CA ILE B 21 12.99 26.34 -24.16
C ILE B 21 13.48 27.77 -24.48
N THR B 22 12.56 28.71 -24.54
CA THR B 22 12.94 30.08 -24.84
C THR B 22 13.67 30.76 -23.69
N ASN B 23 13.18 30.58 -22.47
CA ASN B 23 13.67 31.41 -21.37
C ASN B 23 14.39 30.69 -20.24
N LYS B 24 14.48 29.38 -20.33
CA LYS B 24 15.11 28.62 -19.29
C LYS B 24 16.22 27.70 -19.77
N LEU B 25 16.01 26.99 -20.87
CA LEU B 25 16.97 25.95 -21.24
C LEU B 25 18.14 26.46 -22.10
N SER B 26 18.90 25.52 -22.66
CA SER B 26 20.05 25.91 -23.48
C SER B 26 20.11 25.20 -24.80
N GLY B 27 20.46 25.96 -25.83
CA GLY B 27 20.85 25.40 -27.12
C GLY B 27 19.73 25.00 -28.08
N ALA B 28 18.67 25.82 -28.15
CA ALA B 28 17.54 25.54 -29.02
C ALA B 28 16.57 26.72 -29.12
N GLU B 29 15.87 26.83 -30.24
CA GLU B 29 14.91 27.91 -30.38
C GLU B 29 13.66 27.44 -31.12
N ILE B 30 12.58 28.21 -31.02
CA ILE B 30 11.35 27.84 -31.70
C ILE B 30 11.14 28.65 -32.96
N VAL B 31 11.13 27.94 -34.09
CA VAL B 31 11.21 28.56 -35.40
C VAL B 31 9.99 28.23 -36.23
N ALA B 32 8.94 27.77 -35.58
CA ALA B 32 7.83 27.15 -36.29
C ALA B 32 6.78 26.60 -35.34
N VAL B 33 5.55 27.04 -35.52
CA VAL B 33 4.44 26.50 -34.75
C VAL B 33 3.25 26.32 -35.67
N THR B 34 2.34 25.45 -35.25
CA THR B 34 1.04 25.34 -35.89
C THR B 34 0.08 24.87 -34.83
N ASP B 35 -1.03 25.58 -34.72
CA ASP B 35 -2.13 25.08 -33.92
C ASP B 35 -3.29 24.79 -34.85
N VAL B 36 -4.41 24.42 -34.27
CA VAL B 36 -5.61 24.07 -35.01
C VAL B 36 -6.58 25.23 -34.83
N ASN B 37 -6.34 25.97 -33.76
CA ASN B 37 -6.83 27.32 -33.61
C ASN B 37 -5.72 28.20 -34.13
N GLN B 38 -5.57 28.25 -35.46
CA GLN B 38 -4.45 28.95 -36.08
C GLN B 38 -4.18 30.29 -35.41
N GLU B 39 -5.24 30.97 -35.02
CA GLU B 39 -5.08 32.24 -34.31
C GLU B 39 -4.34 32.08 -32.98
N ALA B 40 -4.74 31.09 -32.16
CA ALA B 40 -4.07 30.83 -30.89
C ALA B 40 -2.55 30.76 -31.05
N ALA B 41 -2.13 29.98 -32.03
CA ALA B 41 -0.72 29.80 -32.39
C ALA B 41 -0.09 31.13 -32.81
N GLN B 42 -0.88 31.99 -33.44
CA GLN B 42 -0.38 33.30 -33.85
C GLN B 42 -0.24 34.20 -32.64
N LYS B 43 -1.07 33.98 -31.62
CA LYS B 43 -1.07 34.79 -30.39
C LYS B 43 0.08 34.39 -29.49
N VAL B 44 0.26 33.08 -29.34
CA VAL B 44 1.46 32.54 -28.71
C VAL B 44 2.73 33.20 -29.24
N VAL B 45 2.94 33.12 -30.55
CA VAL B 45 4.15 33.65 -31.18
C VAL B 45 4.50 35.09 -30.79
N GLU B 46 3.48 35.92 -30.62
CA GLU B 46 3.72 37.30 -30.21
C GLU B 46 3.97 37.32 -28.72
N GLN B 47 3.14 36.57 -28.00
CA GLN B 47 3.27 36.44 -26.55
C GLN B 47 4.74 36.26 -26.16
N TYR B 48 5.40 35.28 -26.76
CA TYR B 48 6.80 34.96 -26.43
C TYR B 48 7.84 35.55 -27.40
N GLN B 49 7.53 36.68 -28.04
CA GLN B 49 8.42 37.30 -29.02
C GLN B 49 9.25 36.26 -29.77
N LEU B 50 8.60 35.33 -30.45
CA LEU B 50 9.35 34.34 -31.20
C LEU B 50 9.76 34.92 -32.54
N ASN B 51 10.73 34.28 -33.19
CA ASN B 51 10.99 34.49 -34.61
C ASN B 51 10.67 33.18 -35.30
N ALA B 52 9.38 32.83 -35.33
CA ALA B 52 8.94 31.56 -35.92
C ALA B 52 7.84 31.73 -36.96
N THR B 53 7.78 30.78 -37.89
CA THR B 53 6.72 30.69 -38.90
C THR B 53 5.47 30.06 -38.27
N VAL B 54 4.29 30.45 -38.75
CA VAL B 54 3.03 29.87 -38.25
C VAL B 54 2.35 29.03 -39.33
N TYR B 55 2.50 27.71 -39.26
CA TYR B 55 1.90 26.86 -40.28
C TYR B 55 0.43 26.52 -39.99
N PRO B 56 -0.35 26.29 -41.06
CA PRO B 56 -1.78 25.99 -40.93
C PRO B 56 -1.97 24.56 -40.46
N ASN B 57 -0.99 23.70 -40.77
CA ASN B 57 -0.99 22.32 -40.27
C ASN B 57 0.41 21.74 -40.10
N ASP B 58 0.46 20.53 -39.55
CA ASP B 58 1.72 19.82 -39.36
C ASP B 58 2.49 19.57 -40.66
N ASP B 59 1.77 19.17 -41.70
CA ASP B 59 2.38 18.93 -43.02
C ASP B 59 3.16 20.13 -43.49
N SER B 60 2.51 21.28 -43.45
CA SER B 60 3.14 22.52 -43.89
C SER B 60 4.41 22.72 -43.09
N LEU B 61 4.33 22.45 -41.79
CA LEU B 61 5.44 22.69 -40.86
C LEU B 61 6.55 21.65 -41.05
N LEU B 62 6.17 20.39 -41.16
CA LEU B 62 7.13 19.32 -41.43
C LEU B 62 7.82 19.53 -42.78
N ALA B 63 7.09 20.12 -43.72
CA ALA B 63 7.70 20.55 -44.96
C ALA B 63 8.97 21.33 -44.63
N ASP B 64 8.78 22.54 -44.08
CA ASP B 64 9.87 23.45 -43.71
C ASP B 64 11.19 22.77 -43.37
N GLU B 65 12.29 23.33 -43.87
CA GLU B 65 13.60 22.71 -43.68
C GLU B 65 14.47 23.39 -42.62
N ASN B 66 14.19 24.64 -42.31
CA ASN B 66 14.91 25.28 -41.21
C ASN B 66 14.47 24.69 -39.86
N VAL B 67 13.61 23.67 -39.91
CA VAL B 67 13.21 22.95 -38.69
C VAL B 67 13.63 21.46 -38.69
N ASP B 68 14.45 21.12 -37.68
CA ASP B 68 15.06 19.79 -37.59
C ASP B 68 14.50 18.95 -36.45
N ALA B 69 13.57 19.49 -35.67
CA ALA B 69 12.92 18.73 -34.59
C ALA B 69 11.60 19.30 -34.12
N VAL B 70 10.67 18.43 -33.73
CA VAL B 70 9.36 18.92 -33.34
C VAL B 70 8.81 18.40 -32.02
N LEU B 71 8.09 19.28 -31.34
CA LEU B 71 7.32 18.93 -30.17
C LEU B 71 5.91 18.55 -30.58
N VAL B 72 5.51 17.31 -30.36
CA VAL B 72 4.10 17.02 -30.56
C VAL B 72 3.38 17.21 -29.24
N THR B 73 2.64 18.30 -29.11
CA THR B 73 2.09 18.66 -27.83
C THR B 73 0.73 19.26 -28.04
N SER B 74 -0.06 18.52 -28.78
CA SER B 74 -1.40 18.95 -29.09
C SER B 74 -2.38 18.01 -28.42
N TRP B 75 -3.64 18.28 -28.65
CA TRP B 75 -4.74 17.41 -28.25
C TRP B 75 -4.37 15.93 -28.45
N GLY B 76 -4.67 15.10 -27.46
CA GLY B 76 -4.14 13.74 -27.38
C GLY B 76 -4.27 12.80 -28.59
N PRO B 77 -5.47 12.73 -29.17
CA PRO B 77 -5.76 11.82 -30.28
C PRO B 77 -5.04 12.19 -31.57
N ALA B 78 -4.69 13.46 -31.73
CA ALA B 78 -4.07 13.95 -32.96
C ALA B 78 -2.56 13.70 -32.92
N HIS B 79 -2.09 13.10 -31.85
CA HIS B 79 -0.67 12.82 -31.72
C HIS B 79 -0.22 11.87 -32.83
N GLU B 80 -0.66 10.61 -32.75
CA GLU B 80 -0.27 9.60 -33.73
C GLU B 80 -0.01 10.15 -35.13
N SER B 81 -1.02 10.77 -35.74
CA SER B 81 -0.89 11.30 -37.09
C SER B 81 0.34 12.17 -37.27
N SER B 82 0.51 13.14 -36.37
CA SER B 82 1.62 14.09 -36.47
C SER B 82 2.96 13.38 -36.39
N VAL B 83 3.03 12.33 -35.56
CA VAL B 83 4.30 11.66 -35.34
C VAL B 83 4.78 10.86 -36.54
N LEU B 84 3.92 9.99 -37.06
CA LEU B 84 4.27 9.19 -38.23
C LEU B 84 4.79 10.10 -39.35
N LYS B 85 4.11 11.22 -39.55
CA LYS B 85 4.54 12.20 -40.54
C LYS B 85 5.99 12.59 -40.28
N ALA B 86 6.24 13.14 -39.09
CA ALA B 86 7.56 13.62 -38.72
C ALA B 86 8.66 12.57 -38.82
N ILE B 87 8.30 11.30 -38.65
CA ILE B 87 9.27 10.22 -38.78
C ILE B 87 9.71 10.08 -40.23
N LYS B 88 8.73 10.15 -41.14
CA LYS B 88 9.02 10.04 -42.56
C LYS B 88 9.71 11.31 -43.04
N ALA B 89 9.31 12.46 -42.51
CA ALA B 89 10.05 13.68 -42.83
C ALA B 89 11.47 13.70 -42.24
N GLN B 90 11.82 12.64 -41.52
CA GLN B 90 13.17 12.47 -40.96
C GLN B 90 13.63 13.62 -40.07
N LYS B 91 12.68 14.18 -39.30
CA LYS B 91 12.98 15.16 -38.26
C LYS B 91 12.87 14.46 -36.91
N TYR B 92 13.46 15.05 -35.87
CA TYR B 92 13.42 14.48 -34.53
C TYR B 92 12.11 14.85 -33.83
N VAL B 93 11.57 13.90 -33.08
CA VAL B 93 10.28 14.14 -32.46
C VAL B 93 10.20 13.81 -30.97
N PHE B 94 9.79 14.81 -30.19
CA PHE B 94 9.45 14.63 -28.79
C PHE B 94 7.95 14.69 -28.62
N CYS B 95 7.41 13.61 -28.08
CA CYS B 95 5.96 13.48 -28.04
C CYS B 95 5.46 13.32 -26.61
N GLU B 96 4.69 14.30 -26.15
CA GLU B 96 3.96 14.22 -24.90
C GLU B 96 2.95 13.09 -24.96
N LYS B 97 2.80 12.35 -23.86
CA LYS B 97 1.79 11.30 -23.78
C LYS B 97 0.40 11.84 -24.13
N PRO B 98 -0.41 11.05 -24.87
CA PRO B 98 -0.07 9.70 -25.30
C PRO B 98 0.83 9.71 -26.53
N LEU B 99 1.50 8.59 -26.78
CA LEU B 99 2.18 8.41 -28.05
C LEU B 99 1.13 8.30 -29.14
N ALA B 100 0.24 7.32 -28.94
CA ALA B 100 -0.93 7.12 -29.80
C ALA B 100 -2.04 6.58 -28.92
N THR B 101 -3.26 7.04 -29.15
CA THR B 101 -4.36 6.65 -28.27
C THR B 101 -4.57 5.13 -28.24
N THR B 102 -4.26 4.44 -29.35
CA THR B 102 -4.43 2.99 -29.41
C THR B 102 -3.10 2.24 -29.51
N ALA B 103 -3.08 0.99 -29.05
CA ALA B 103 -1.84 0.22 -29.03
C ALA B 103 -1.27 0.02 -30.43
N GLU B 104 -2.10 -0.42 -31.36
CA GLU B 104 -1.66 -0.61 -32.74
C GLU B 104 -1.12 0.71 -33.31
N GLY B 105 -1.84 1.79 -33.05
CA GLY B 105 -1.38 3.11 -33.44
C GLY B 105 0.08 3.27 -33.06
N CYS B 106 0.39 2.94 -31.80
CA CYS B 106 1.77 2.96 -31.33
C CYS B 106 2.62 2.04 -32.18
N MET B 107 2.09 0.85 -32.48
CA MET B 107 2.83 -0.15 -33.23
C MET B 107 3.29 0.36 -34.60
N ARG B 108 2.39 1.03 -35.32
CA ARG B 108 2.74 1.60 -36.62
C ARG B 108 3.94 2.52 -36.45
N ILE B 109 3.90 3.33 -35.40
CA ILE B 109 4.97 4.28 -35.10
C ILE B 109 6.31 3.59 -34.82
N VAL B 110 6.27 2.45 -34.14
CA VAL B 110 7.49 1.69 -33.91
C VAL B 110 8.08 1.22 -35.23
N GLU B 111 7.27 0.52 -36.03
CA GLU B 111 7.71 -0.01 -37.31
C GLU B 111 8.35 1.05 -38.20
N GLU B 112 7.73 2.22 -38.29
CA GLU B 112 8.32 3.33 -39.02
C GLU B 112 9.73 3.63 -38.55
N GLU B 113 9.91 3.73 -37.24
CA GLU B 113 11.19 4.13 -36.69
C GLU B 113 12.25 3.08 -36.94
N ILE B 114 11.87 1.81 -36.89
CA ILE B 114 12.85 0.76 -37.12
C ILE B 114 13.38 0.84 -38.56
N LYS B 115 12.53 1.33 -39.47
CA LYS B 115 12.96 1.56 -40.84
C LYS B 115 13.98 2.66 -40.87
N VAL B 116 13.56 3.85 -40.46
CA VAL B 116 14.40 5.03 -40.59
C VAL B 116 15.72 4.94 -39.79
N GLY B 117 16.10 3.71 -39.47
CA GLY B 117 17.46 3.42 -39.04
C GLY B 117 17.90 3.85 -37.65
N LYS B 118 17.39 4.97 -37.15
CA LYS B 118 17.83 5.42 -35.83
C LYS B 118 16.70 5.82 -34.88
N ARG B 119 17.10 6.45 -33.78
CA ARG B 119 16.20 6.79 -32.71
C ARG B 119 15.82 8.26 -32.77
N LEU B 120 14.65 8.56 -33.33
CA LEU B 120 14.20 9.95 -33.43
C LEU B 120 13.05 10.26 -32.49
N VAL B 121 12.45 9.23 -31.91
CA VAL B 121 11.28 9.40 -31.02
C VAL B 121 11.60 9.32 -29.53
N GLN B 122 11.30 10.40 -28.82
CA GLN B 122 11.37 10.43 -27.36
C GLN B 122 9.97 10.73 -26.83
N VAL B 123 9.49 9.86 -25.93
CA VAL B 123 8.19 10.05 -25.30
C VAL B 123 8.26 10.78 -23.94
N GLY B 124 7.39 11.76 -23.76
CA GLY B 124 7.47 12.68 -22.63
C GLY B 124 7.05 12.18 -21.26
N PHE B 125 7.53 10.97 -20.89
CA PHE B 125 7.33 10.44 -19.55
C PHE B 125 8.39 10.98 -18.60
N MET B 126 8.15 12.20 -18.09
CA MET B 126 9.18 12.98 -17.38
C MET B 126 9.61 12.40 -16.05
N ARG B 127 8.75 11.60 -15.44
CA ARG B 127 9.10 10.98 -14.19
C ARG B 127 10.52 10.40 -14.18
N ARG B 128 11.02 9.97 -15.34
CA ARG B 128 12.30 9.30 -15.31
C ARG B 128 13.42 10.29 -15.02
N TYR B 129 13.08 11.57 -15.08
CA TYR B 129 14.06 12.65 -14.92
C TYR B 129 13.90 13.36 -13.58
N ASP B 130 12.94 12.91 -12.78
CA ASP B 130 12.75 13.43 -11.44
C ASP B 130 13.84 12.92 -10.51
N SER B 131 14.37 13.80 -9.66
CA SER B 131 15.57 13.45 -8.89
C SER B 131 15.30 12.28 -7.94
N GLY B 132 14.12 12.28 -7.34
CA GLY B 132 13.69 11.22 -6.47
C GLY B 132 13.62 9.91 -7.21
N TYR B 133 12.89 9.90 -8.33
CA TYR B 133 12.77 8.68 -9.13
C TYR B 133 14.11 8.14 -9.62
N VAL B 134 15.01 9.07 -9.93
CA VAL B 134 16.36 8.70 -10.28
C VAL B 134 17.09 8.05 -9.14
N GLN B 135 16.99 8.59 -7.94
CA GLN B 135 17.69 7.96 -6.80
C GLN B 135 17.18 6.55 -6.60
N LEU B 136 15.88 6.37 -6.86
CA LEU B 136 15.29 5.05 -6.80
C LEU B 136 15.94 4.14 -7.83
N LYS B 137 15.94 4.59 -9.09
CA LYS B 137 16.64 3.84 -10.14
C LYS B 137 18.03 3.46 -9.64
N GLU B 138 18.83 4.48 -9.31
CA GLU B 138 20.18 4.27 -8.83
C GLU B 138 20.31 3.20 -7.75
N ALA B 139 19.48 3.29 -6.71
CA ALA B 139 19.53 2.29 -5.64
C ALA B 139 19.35 0.87 -6.18
N LEU B 140 18.27 0.66 -6.91
CA LEU B 140 17.98 -0.66 -7.46
C LEU B 140 19.11 -1.21 -8.31
N ASP B 141 19.57 -0.38 -9.26
CA ASP B 141 20.71 -0.71 -10.11
C ASP B 141 21.89 -1.10 -9.25
N ASN B 142 21.88 -0.68 -8.00
CA ASN B 142 22.96 -1.03 -7.09
C ASN B 142 22.63 -2.19 -6.16
N HIS B 143 21.42 -2.73 -6.28
CA HIS B 143 21.04 -3.94 -5.56
C HIS B 143 20.83 -3.70 -4.06
N VAL B 144 21.04 -2.45 -3.66
CA VAL B 144 20.84 -2.03 -2.29
C VAL B 144 19.85 -2.91 -1.53
N ILE B 145 18.64 -3.08 -2.07
CA ILE B 145 17.58 -3.80 -1.38
C ILE B 145 17.29 -5.16 -1.97
N GLY B 146 18.26 -5.71 -2.71
CA GLY B 146 18.08 -7.00 -3.34
C GLY B 146 16.90 -7.06 -4.31
N GLU B 147 16.44 -8.28 -4.59
CA GLU B 147 15.36 -8.49 -5.53
C GLU B 147 14.03 -7.85 -5.11
N PRO B 148 13.58 -6.87 -5.89
CA PRO B 148 12.26 -6.23 -5.74
C PRO B 148 11.13 -7.25 -5.73
N LEU B 149 10.19 -7.10 -4.82
CA LEU B 149 9.12 -8.07 -4.62
C LEU B 149 7.75 -7.46 -4.76
N MET B 150 7.50 -6.35 -4.09
CA MET B 150 6.22 -5.66 -4.26
C MET B 150 6.40 -4.16 -4.33
N ILE B 151 5.40 -3.50 -4.86
CA ILE B 151 5.42 -2.07 -4.96
C ILE B 151 4.08 -1.47 -4.50
N HIS B 152 4.12 -0.53 -3.58
CA HIS B 152 2.91 0.17 -3.16
C HIS B 152 3.09 1.60 -3.59
N CYS B 153 2.07 2.17 -4.21
CA CYS B 153 2.21 3.52 -4.73
C CYS B 153 0.86 4.11 -4.97
N ALA B 154 0.78 5.43 -5.05
CA ALA B 154 -0.49 6.09 -5.10
C ALA B 154 -0.36 7.35 -5.92
N HIS B 155 -1.44 7.74 -6.58
CA HIS B 155 -1.41 8.91 -7.41
C HIS B 155 -2.66 9.66 -7.07
N ARG B 156 -2.56 10.83 -6.44
CA ARG B 156 -3.76 11.46 -5.90
C ARG B 156 -3.98 12.91 -6.33
N ASN B 157 -5.22 13.23 -6.72
CA ASN B 157 -5.55 14.58 -7.12
C ASN B 157 -6.43 15.20 -6.07
N PRO B 158 -6.36 16.53 -5.96
CA PRO B 158 -7.27 17.14 -4.99
C PRO B 158 -8.69 16.97 -5.52
N THR B 159 -8.86 17.28 -6.80
CA THR B 159 -10.14 17.10 -7.45
C THR B 159 -9.92 17.03 -8.96
N VAL B 160 -11.02 16.95 -9.70
CA VAL B 160 -10.94 16.91 -11.16
C VAL B 160 -12.08 17.71 -11.77
N GLY B 161 -12.05 17.87 -13.09
CA GLY B 161 -13.11 18.57 -13.79
C GLY B 161 -14.31 17.66 -13.94
N ASP B 162 -15.46 18.25 -14.26
CA ASP B 162 -16.68 17.48 -14.59
C ASP B 162 -16.38 16.58 -15.79
N ASN B 163 -15.40 17.02 -16.57
CA ASN B 163 -14.89 16.31 -17.73
C ASN B 163 -14.19 14.97 -17.45
N TYR B 164 -13.95 14.65 -16.19
CA TYR B 164 -13.12 13.48 -15.89
C TYR B 164 -13.91 12.18 -15.85
N THR B 165 -13.48 11.22 -16.66
CA THR B 165 -14.26 10.00 -16.86
C THR B 165 -13.57 8.74 -16.34
N THR B 166 -14.38 7.81 -15.84
CA THR B 166 -13.93 6.62 -15.11
C THR B 166 -12.79 5.84 -15.77
N ASP B 167 -12.42 6.22 -16.98
CA ASP B 167 -11.36 5.48 -17.67
C ASP B 167 -10.11 6.35 -17.71
N MET B 168 -10.32 7.66 -17.65
CA MET B 168 -9.23 8.61 -17.69
C MET B 168 -8.23 8.28 -16.59
N ALA B 169 -8.75 7.77 -15.47
CA ALA B 169 -7.90 7.28 -14.40
C ALA B 169 -6.73 6.42 -14.89
N VAL B 170 -7.01 5.37 -15.64
CA VAL B 170 -5.95 4.48 -16.14
C VAL B 170 -5.37 4.96 -17.45
N VAL B 171 -5.99 5.97 -18.05
CA VAL B 171 -5.56 6.40 -19.37
C VAL B 171 -4.68 7.64 -19.33
N ASP B 172 -5.20 8.70 -18.71
CA ASP B 172 -4.47 9.96 -18.59
C ASP B 172 -3.55 9.96 -17.39
N THR B 173 -3.97 9.29 -16.33
CA THR B 173 -3.39 9.46 -15.01
C THR B 173 -2.39 8.40 -14.60
N LEU B 174 -2.83 7.15 -14.54
CA LEU B 174 -1.95 6.09 -14.06
C LEU B 174 -0.87 5.79 -15.10
N VAL B 175 -0.95 6.47 -16.23
CA VAL B 175 -0.01 6.18 -17.29
C VAL B 175 1.45 6.42 -16.85
N HIS B 176 1.70 7.48 -16.07
CA HIS B 176 3.07 7.80 -15.67
C HIS B 176 3.72 6.71 -14.82
N GLU B 177 2.95 6.17 -13.89
CA GLU B 177 3.40 5.03 -13.09
C GLU B 177 3.69 3.86 -14.01
N ILE B 178 2.72 3.60 -14.91
CA ILE B 178 2.80 2.46 -15.82
C ILE B 178 4.11 2.50 -16.58
N ASP B 179 4.56 3.71 -16.91
CA ASP B 179 5.87 3.85 -17.54
C ASP B 179 6.97 3.68 -16.51
N VAL B 180 6.94 4.52 -15.49
CA VAL B 180 8.08 4.59 -14.59
C VAL B 180 8.32 3.29 -13.83
N LEU B 181 7.23 2.61 -13.43
CA LEU B 181 7.36 1.39 -12.65
C LEU B 181 8.22 0.35 -13.37
N HIS B 182 7.76 -0.09 -14.54
CA HIS B 182 8.51 -1.10 -15.27
C HIS B 182 9.88 -0.56 -15.66
N TRP B 183 9.95 0.73 -15.93
CA TRP B 183 11.26 1.33 -16.19
C TRP B 183 12.24 0.95 -15.07
N LEU B 184 11.80 1.18 -13.82
CA LEU B 184 12.61 1.01 -12.63
C LEU B 184 13.09 -0.43 -12.41
N VAL B 185 12.12 -1.34 -12.40
CA VAL B 185 12.34 -2.74 -12.06
C VAL B 185 12.87 -3.54 -13.23
N ASN B 186 12.79 -2.95 -14.42
CA ASN B 186 13.19 -3.64 -15.64
C ASN B 186 12.51 -5.00 -15.75
N ASP B 187 11.17 -4.98 -15.73
CA ASP B 187 10.35 -6.17 -15.95
C ASP B 187 9.16 -5.76 -16.79
N ASP B 188 8.50 -6.74 -17.41
CA ASP B 188 7.32 -6.46 -18.20
C ASP B 188 6.05 -6.85 -17.45
N TYR B 189 4.97 -6.13 -17.75
CA TYR B 189 3.70 -6.39 -17.09
C TYR B 189 2.97 -7.63 -17.65
N GLU B 190 2.78 -8.62 -16.78
CA GLU B 190 2.03 -9.83 -17.13
C GLU B 190 0.52 -9.57 -17.10
N SER B 191 -0.06 -9.44 -15.91
CA SER B 191 -1.49 -9.18 -15.79
C SER B 191 -1.83 -7.87 -15.05
N VAL B 192 -3.05 -7.38 -15.26
CA VAL B 192 -3.60 -6.31 -14.45
C VAL B 192 -4.96 -6.74 -13.89
N GLN B 193 -5.50 -5.93 -12.98
CA GLN B 193 -6.78 -6.24 -12.37
C GLN B 193 -7.20 -4.99 -11.64
N VAL B 194 -8.49 -4.73 -11.59
CA VAL B 194 -8.98 -3.50 -11.00
C VAL B 194 -10.00 -3.79 -9.92
N ILE B 195 -9.91 -3.07 -8.81
CA ILE B 195 -10.83 -3.20 -7.71
C ILE B 195 -11.37 -1.83 -7.30
N TYR B 196 -12.68 -1.67 -7.26
CA TYR B 196 -13.29 -0.38 -6.93
C TYR B 196 -13.70 -0.28 -5.48
N PRO B 197 -13.05 0.59 -4.70
CA PRO B 197 -13.51 0.75 -3.32
C PRO B 197 -14.77 1.60 -3.26
N LYS B 198 -15.37 1.65 -2.09
CA LYS B 198 -16.53 2.49 -1.81
C LYS B 198 -16.36 3.89 -2.43
N LYS B 199 -17.11 4.18 -3.49
CA LYS B 199 -17.04 5.49 -4.18
C LYS B 199 -17.03 6.66 -3.19
N SER B 200 -16.29 7.71 -3.54
CA SER B 200 -16.05 8.81 -2.62
C SER B 200 -17.02 9.97 -2.75
N LYS B 201 -17.38 10.58 -1.63
CA LYS B 201 -18.31 11.69 -1.64
C LYS B 201 -17.81 12.85 -2.50
N ASN B 202 -16.50 13.00 -2.62
CA ASN B 202 -15.91 14.14 -3.34
C ASN B 202 -15.92 13.93 -4.84
N ALA B 203 -16.39 12.77 -5.28
CA ALA B 203 -16.46 12.44 -6.69
C ALA B 203 -17.88 12.54 -7.25
N LEU B 204 -17.99 13.02 -8.48
CA LEU B 204 -19.27 13.10 -9.16
C LEU B 204 -19.71 11.68 -9.52
N PRO B 205 -21.04 11.45 -9.58
CA PRO B 205 -21.57 10.08 -9.65
C PRO B 205 -21.23 9.37 -10.96
N HIS B 206 -20.94 10.12 -12.02
CA HIS B 206 -20.64 9.51 -13.30
C HIS B 206 -19.19 8.98 -13.33
N LEU B 207 -18.53 9.02 -12.17
CA LEU B 207 -17.11 8.68 -12.06
C LEU B 207 -16.83 7.74 -10.90
N LYS B 208 -16.03 6.71 -11.16
CA LYS B 208 -15.63 5.74 -10.15
C LYS B 208 -14.28 6.10 -9.51
N ASP B 209 -14.35 6.72 -8.33
CA ASP B 209 -13.19 7.22 -7.63
C ASP B 209 -13.35 6.82 -6.17
N PRO B 210 -12.34 6.16 -5.59
CA PRO B 210 -11.01 5.76 -6.06
C PRO B 210 -11.06 4.50 -6.87
N GLN B 211 -9.89 4.00 -7.22
CA GLN B 211 -9.78 2.71 -7.86
C GLN B 211 -8.46 2.15 -7.39
N ILE B 212 -8.33 0.83 -7.38
CA ILE B 212 -7.05 0.23 -7.06
C ILE B 212 -6.69 -0.64 -8.23
N VAL B 213 -5.43 -0.69 -8.58
CA VAL B 213 -5.04 -1.46 -9.73
C VAL B 213 -3.89 -2.37 -9.37
N VAL B 214 -4.13 -3.67 -9.37
CA VAL B 214 -3.05 -4.56 -9.04
C VAL B 214 -2.41 -4.95 -10.34
N ILE B 215 -1.10 -5.12 -10.35
CA ILE B 215 -0.42 -5.47 -11.58
C ILE B 215 0.67 -6.48 -11.27
N GLU B 216 0.77 -7.56 -12.03
CA GLU B 216 1.89 -8.49 -11.83
C GLU B 216 2.85 -8.37 -12.97
N THR B 217 4.12 -8.61 -12.71
CA THR B 217 5.10 -8.56 -13.79
C THR B 217 5.40 -9.97 -14.19
N LYS B 218 6.18 -10.14 -15.25
CA LYS B 218 6.60 -11.47 -15.67
C LYS B 218 7.35 -12.12 -14.52
N GLY B 219 8.25 -11.36 -13.90
CA GLY B 219 9.14 -11.88 -12.87
C GLY B 219 8.48 -12.34 -11.57
N GLY B 220 7.36 -11.73 -11.22
CA GLY B 220 6.66 -12.08 -10.00
C GLY B 220 6.51 -10.92 -9.02
N ILE B 221 6.81 -9.72 -9.51
CA ILE B 221 6.66 -8.52 -8.70
C ILE B 221 5.20 -8.12 -8.68
N VAL B 222 4.69 -7.74 -7.50
CA VAL B 222 3.31 -7.32 -7.41
C VAL B 222 3.18 -5.87 -6.99
N ILE B 223 2.28 -5.17 -7.65
CA ILE B 223 2.17 -3.75 -7.49
C ILE B 223 0.76 -3.44 -7.11
N ASN B 224 0.55 -2.62 -6.10
CA ASN B 224 -0.78 -2.08 -5.96
C ASN B 224 -0.70 -0.59 -5.99
N ALA B 225 -1.56 -0.02 -6.80
CA ALA B 225 -1.44 1.35 -7.15
C ALA B 225 -2.73 2.08 -6.84
N GLU B 226 -2.75 2.90 -5.82
CA GLU B 226 -3.96 3.59 -5.54
C GLU B 226 -4.05 4.69 -6.56
N ILE B 227 -5.26 4.99 -7.01
CA ILE B 227 -5.52 6.15 -7.85
C ILE B 227 -6.73 6.85 -7.28
N TYR B 228 -6.56 8.06 -6.79
CA TYR B 228 -7.68 8.71 -6.18
C TYR B 228 -7.63 10.20 -6.45
N VAL B 229 -8.53 10.66 -7.31
CA VAL B 229 -8.40 12.00 -7.88
C VAL B 229 -9.35 13.01 -7.25
N ASN B 230 -10.05 12.62 -6.20
CA ASN B 230 -10.86 13.57 -5.46
C ASN B 230 -10.57 13.52 -3.96
N CYS B 231 -9.28 13.47 -3.63
CA CYS B 231 -8.83 13.20 -2.27
C CYS B 231 -8.89 14.46 -1.42
N LYS B 232 -9.11 15.59 -2.07
CA LYS B 232 -9.41 16.84 -1.39
C LYS B 232 -8.24 17.52 -0.68
N TYR B 233 -7.34 16.73 -0.11
CA TYR B 233 -6.26 17.31 0.70
C TYR B 233 -5.11 17.88 -0.12
N GLY B 234 -4.78 17.24 -1.24
CA GLY B 234 -3.73 17.75 -2.11
C GLY B 234 -3.40 16.92 -3.33
N TYR B 235 -2.30 17.23 -3.98
CA TYR B 235 -1.83 16.42 -5.09
C TYR B 235 -0.56 15.73 -4.56
N ASP B 236 -0.49 14.40 -4.65
CA ASP B 236 0.51 13.67 -3.87
C ASP B 236 0.80 12.37 -4.60
N ILE B 237 2.08 12.10 -4.85
CA ILE B 237 2.50 10.95 -5.63
C ILE B 237 3.34 10.19 -4.67
N GLN B 238 3.11 8.89 -4.52
CA GLN B 238 3.81 8.14 -3.50
C GLN B 238 4.22 6.83 -4.08
N CYS B 239 5.43 6.39 -3.79
CA CYS B 239 5.84 5.11 -4.30
C CYS B 239 6.85 4.46 -3.37
N GLU B 240 6.53 3.24 -2.91
CA GLU B 240 7.39 2.47 -2.03
C GLU B 240 7.68 1.12 -2.64
N ILE B 241 8.96 0.78 -2.75
CA ILE B 241 9.36 -0.46 -3.37
C ILE B 241 9.93 -1.43 -2.35
N VAL B 242 9.17 -2.47 -2.03
CA VAL B 242 9.67 -3.45 -1.08
C VAL B 242 10.57 -4.48 -1.76
N GLY B 243 11.75 -4.69 -1.21
CA GLY B 243 12.72 -5.58 -1.82
C GLY B 243 13.01 -6.79 -0.95
N GLU B 244 13.91 -7.65 -1.40
CA GLU B 244 14.19 -8.86 -0.66
C GLU B 244 14.71 -8.50 0.71
N ASP B 245 15.61 -7.53 0.76
CA ASP B 245 16.30 -7.24 2.01
C ASP B 245 16.12 -5.82 2.51
N GLY B 246 15.29 -5.03 1.84
CA GLY B 246 15.16 -3.66 2.27
C GLY B 246 14.04 -2.93 1.57
N ILE B 247 13.74 -1.73 2.05
CA ILE B 247 12.73 -0.91 1.43
C ILE B 247 13.22 0.50 1.08
N ILE B 248 12.94 0.93 -0.14
CA ILE B 248 13.24 2.30 -0.56
C ILE B 248 11.96 2.97 -0.94
N LYS B 249 11.90 4.28 -0.79
CA LYS B 249 10.64 4.97 -0.96
C LYS B 249 10.86 6.37 -1.49
N LEU B 250 9.98 6.79 -2.39
CA LEU B 250 10.07 8.12 -2.96
C LEU B 250 9.87 9.17 -1.88
N PRO B 251 10.59 10.30 -1.97
CA PRO B 251 10.61 11.40 -0.99
C PRO B 251 9.39 12.27 -1.12
N GLU B 252 9.16 13.16 -0.17
CA GLU B 252 8.14 14.19 -0.40
C GLU B 252 8.81 15.32 -1.16
N PRO B 253 8.00 16.18 -1.78
CA PRO B 253 8.60 17.43 -2.27
C PRO B 253 9.23 18.20 -1.10
N SER B 254 10.43 18.74 -1.28
CA SER B 254 11.05 19.65 -0.31
C SER B 254 10.09 20.67 0.30
N SER B 255 10.15 20.85 1.60
CA SER B 255 9.24 21.78 2.27
C SER B 255 9.72 22.21 3.66
N ILE B 256 9.47 23.46 4.02
CA ILE B 256 9.87 23.89 5.33
C ILE B 256 8.88 23.36 6.34
N SER B 257 9.41 22.84 7.46
CA SER B 257 8.56 22.32 8.53
C SER B 257 8.00 23.50 9.27
N LEU B 258 6.83 23.34 9.88
CA LEU B 258 6.27 24.39 10.70
C LEU B 258 5.78 23.87 12.06
N ARG B 259 6.01 24.61 13.13
CA ARG B 259 5.41 24.26 14.42
C ARG B 259 4.49 25.38 14.80
N LYS B 260 3.18 25.10 14.77
CA LYS B 260 2.20 26.13 15.08
C LYS B 260 0.88 25.50 15.47
N GLU B 261 0.15 26.16 16.36
CA GLU B 261 -1.20 25.72 16.72
C GLU B 261 -1.34 24.20 16.93
N GLY B 262 -0.46 23.61 17.71
CA GLY B 262 -0.62 22.21 18.05
C GLY B 262 -0.09 21.20 17.06
N ARG B 263 0.20 21.62 15.83
CA ARG B 263 0.67 20.65 14.84
C ARG B 263 2.13 20.88 14.34
N PHE B 264 2.82 19.82 13.95
CA PHE B 264 4.16 19.92 13.37
C PHE B 264 4.15 19.46 11.92
N SER B 265 3.87 20.38 11.02
CA SER B 265 3.54 20.06 9.63
C SER B 265 4.63 20.32 8.59
N THR B 266 4.47 19.71 7.42
CA THR B 266 5.20 20.11 6.23
C THR B 266 4.14 20.51 5.19
N ASP B 267 4.54 21.10 4.07
CA ASP B 267 3.57 21.47 3.02
C ASP B 267 3.25 20.37 2.01
N ILE B 268 1.99 20.32 1.63
CA ILE B 268 1.56 19.47 0.52
C ILE B 268 1.08 20.31 -0.68
N LEU B 269 1.58 19.97 -1.87
CA LEU B 269 1.27 20.70 -3.09
C LEU B 269 -0.18 20.52 -3.51
N MET B 270 -0.75 21.55 -4.11
CA MET B 270 -2.16 21.51 -4.54
C MET B 270 -2.31 21.56 -6.06
N ASP B 271 -1.19 21.57 -6.76
CA ASP B 271 -1.17 21.97 -8.15
C ASP B 271 -0.21 21.12 -8.98
N TRP B 272 -0.71 20.05 -9.59
CA TRP B 272 0.14 19.10 -10.31
C TRP B 272 1.22 19.79 -11.15
N GLN B 273 0.93 21.01 -11.59
CA GLN B 273 1.91 21.76 -12.37
C GLN B 273 3.25 21.87 -11.65
N ARG B 274 3.20 22.04 -10.33
CA ARG B 274 4.42 22.26 -9.54
C ARG B 274 5.26 21.01 -9.29
N ARG B 275 4.60 19.87 -9.10
CA ARG B 275 5.32 18.66 -8.68
C ARG B 275 6.52 18.31 -9.54
N PHE B 276 6.46 18.58 -10.83
CA PHE B 276 7.48 18.03 -11.73
C PHE B 276 8.22 19.03 -12.60
N VAL B 277 7.93 20.30 -12.42
CA VAL B 277 8.54 21.36 -13.20
C VAL B 277 10.01 21.10 -13.54
N ALA B 278 10.79 20.61 -12.59
CA ALA B 278 12.22 20.39 -12.87
C ALA B 278 12.46 19.15 -13.70
N ALA B 279 11.51 18.22 -13.70
CA ALA B 279 11.72 17.01 -14.47
C ALA B 279 11.55 17.37 -15.95
N TYR B 280 10.59 18.25 -16.23
CA TYR B 280 10.38 18.76 -17.57
C TYR B 280 11.65 19.42 -18.08
N ASP B 281 12.12 20.43 -17.37
CA ASP B 281 13.35 21.10 -17.73
C ASP B 281 14.46 20.11 -18.04
N VAL B 282 14.62 19.09 -17.21
CA VAL B 282 15.73 18.19 -17.43
C VAL B 282 15.48 17.35 -18.66
N GLU B 283 14.24 16.88 -18.77
CA GLU B 283 13.77 16.04 -19.84
C GLU B 283 14.04 16.67 -21.20
N ILE B 284 13.63 17.92 -21.34
CA ILE B 284 13.77 18.62 -22.61
C ILE B 284 15.23 18.91 -22.89
N GLN B 285 15.94 19.41 -21.90
CA GLN B 285 17.36 19.68 -22.09
C GLN B 285 18.08 18.43 -22.54
N ASP B 286 17.57 17.28 -22.14
CA ASP B 286 18.18 16.01 -22.51
C ASP B 286 17.90 15.67 -23.95
N PHE B 287 16.68 15.92 -24.38
CA PHE B 287 16.33 15.81 -25.80
C PHE B 287 17.35 16.64 -26.59
N ILE B 288 17.45 17.93 -26.26
CA ILE B 288 18.38 18.80 -26.97
C ILE B 288 19.78 18.25 -26.92
N ASP B 289 20.44 18.37 -25.77
CA ASP B 289 21.83 17.91 -25.63
C ASP B 289 22.02 16.54 -26.27
N SER B 290 21.05 15.65 -26.08
CA SER B 290 21.21 14.29 -26.57
C SER B 290 21.34 14.29 -28.06
N ILE B 291 20.50 15.09 -28.71
CA ILE B 291 20.47 15.18 -30.16
C ILE B 291 21.79 15.73 -30.73
N GLN B 292 22.16 16.91 -30.26
CA GLN B 292 23.30 17.63 -30.81
C GLN B 292 24.61 16.85 -30.67
N LYS B 293 24.71 16.03 -29.63
CA LYS B 293 25.97 15.38 -29.32
C LYS B 293 25.90 13.87 -29.50
N LYS B 294 24.95 13.39 -30.30
CA LYS B 294 24.77 11.95 -30.46
C LYS B 294 24.02 11.54 -31.74
N GLY B 295 23.35 12.51 -32.35
CA GLY B 295 22.56 12.21 -33.53
C GLY B 295 21.36 11.31 -33.29
N GLU B 296 21.03 11.05 -32.03
CA GLU B 296 19.81 10.31 -31.70
C GLU B 296 19.25 10.75 -30.34
N VAL B 297 17.95 10.58 -30.13
CA VAL B 297 17.36 10.95 -28.86
C VAL B 297 17.68 9.87 -27.81
N SER B 298 17.29 10.07 -26.55
CA SER B 298 17.72 9.14 -25.50
C SER B 298 16.66 8.54 -24.57
N GLY B 299 15.71 9.36 -24.12
CA GLY B 299 14.79 8.96 -23.06
C GLY B 299 13.87 7.79 -23.34
N PRO B 300 12.62 7.90 -22.86
CA PRO B 300 11.59 6.88 -23.10
C PRO B 300 11.34 6.64 -24.60
N THR B 301 11.57 5.42 -25.04
CA THR B 301 11.50 5.05 -26.44
C THR B 301 10.09 4.96 -26.98
N ALA B 302 9.99 4.83 -28.31
CA ALA B 302 8.71 4.69 -28.96
C ALA B 302 8.12 3.40 -28.44
N TRP B 303 9.00 2.46 -28.16
CA TRP B 303 8.59 1.16 -27.65
C TRP B 303 7.91 1.33 -26.30
N ASP B 304 8.58 2.08 -25.43
CA ASP B 304 8.11 2.28 -24.08
C ASP B 304 6.69 2.85 -24.08
N GLY B 305 6.40 3.68 -25.08
CA GLY B 305 5.07 4.25 -25.26
C GLY B 305 4.04 3.21 -25.67
N TYR B 306 4.46 2.30 -26.53
CA TYR B 306 3.60 1.20 -26.93
C TYR B 306 3.26 0.39 -25.68
N ILE B 307 4.29 0.07 -24.90
CA ILE B 307 4.09 -0.72 -23.69
C ILE B 307 3.00 -0.07 -22.88
N ALA B 308 3.05 1.25 -22.80
CA ALA B 308 2.01 1.99 -22.11
C ALA B 308 0.62 1.68 -22.68
N ALA B 309 0.47 1.88 -23.99
CA ALA B 309 -0.83 1.73 -24.66
C ALA B 309 -1.47 0.35 -24.43
N VAL B 310 -0.68 -0.70 -24.62
CA VAL B 310 -1.17 -2.06 -24.40
C VAL B 310 -1.73 -2.15 -23.00
N THR B 311 -0.93 -1.69 -22.05
CA THR B 311 -1.21 -1.86 -20.65
C THR B 311 -2.42 -1.02 -20.22
N THR B 312 -2.50 0.20 -20.71
CA THR B 312 -3.73 0.98 -20.56
C THR B 312 -4.93 0.20 -21.10
N ASP B 313 -4.72 -0.52 -22.21
CA ASP B 313 -5.77 -1.35 -22.76
C ASP B 313 -6.23 -2.37 -21.72
N ALA B 314 -5.32 -3.26 -21.34
CA ALA B 314 -5.62 -4.28 -20.35
C ALA B 314 -6.31 -3.67 -19.12
N CYS B 315 -6.00 -2.41 -18.84
CA CYS B 315 -6.59 -1.74 -17.68
C CYS B 315 -8.06 -1.41 -17.87
N VAL B 316 -8.39 -0.77 -18.98
CA VAL B 316 -9.77 -0.41 -19.24
C VAL B 316 -10.61 -1.68 -19.45
N LYS B 317 -9.96 -2.73 -19.91
CA LYS B 317 -10.59 -4.01 -20.04
C LYS B 317 -10.97 -4.47 -18.64
N ALA B 318 -9.99 -4.49 -17.74
CA ALA B 318 -10.23 -4.88 -16.36
C ALA B 318 -11.21 -3.94 -15.66
N GLN B 319 -11.30 -2.72 -16.16
CA GLN B 319 -12.17 -1.73 -15.58
C GLN B 319 -13.63 -2.14 -15.69
N GLU B 320 -13.93 -2.79 -16.81
CA GLU B 320 -15.29 -3.13 -17.18
C GLU B 320 -15.64 -4.55 -16.74
N SER B 321 -14.64 -5.42 -16.78
CA SER B 321 -14.82 -6.82 -16.40
C SER B 321 -14.60 -7.10 -14.90
N GLY B 322 -13.99 -6.15 -14.19
CA GLY B 322 -13.54 -6.42 -12.84
C GLY B 322 -12.91 -7.80 -12.77
N GLN B 323 -12.25 -8.19 -13.85
CA GLN B 323 -11.66 -9.52 -13.98
C GLN B 323 -10.17 -9.38 -14.27
N LYS B 324 -9.39 -10.39 -13.92
CA LYS B 324 -7.94 -10.32 -14.12
C LYS B 324 -7.52 -10.43 -15.60
N GLU B 325 -7.59 -9.30 -16.32
CA GLU B 325 -7.19 -9.24 -17.72
C GLU B 325 -5.71 -9.58 -17.94
N LYS B 326 -5.41 -10.21 -19.07
CA LYS B 326 -4.01 -10.47 -19.46
C LYS B 326 -3.46 -9.28 -20.25
N VAL B 327 -2.14 -9.13 -20.25
CA VAL B 327 -1.49 -8.09 -21.04
C VAL B 327 -0.57 -8.77 -22.03
N GLU B 328 -1.02 -8.86 -23.28
CA GLU B 328 -0.27 -9.55 -24.33
C GLU B 328 0.64 -8.59 -25.07
N LEU B 329 1.93 -8.68 -24.74
CA LEU B 329 2.92 -7.79 -25.33
C LEU B 329 3.67 -8.49 -26.45
N LYS B 330 3.87 -7.78 -27.56
CA LYS B 330 4.59 -8.34 -28.70
C LYS B 330 6.10 -8.39 -28.48
N GLU B 331 6.76 -9.24 -29.27
CA GLU B 331 8.22 -9.30 -29.33
C GLU B 331 8.83 -7.91 -29.19
N LYS B 332 9.87 -7.81 -28.39
CA LYS B 332 10.64 -6.57 -28.32
C LYS B 332 11.72 -6.62 -29.41
N PRO B 333 11.56 -5.78 -30.44
CA PRO B 333 12.47 -5.74 -31.59
C PRO B 333 13.91 -5.53 -31.16
N GLU B 334 14.83 -6.30 -31.74
CA GLU B 334 16.24 -6.16 -31.39
C GLU B 334 16.66 -4.71 -31.47
N PHE B 335 16.14 -4.03 -32.48
CA PHE B 335 16.35 -2.60 -32.61
C PHE B 335 16.57 -1.95 -31.23
N TYR B 336 15.65 -2.21 -30.30
CA TYR B 336 15.71 -1.63 -28.96
C TYR B 336 16.51 -2.49 -27.97
N GLN B 337 17.75 -2.09 -27.74
CA GLN B 337 18.60 -2.63 -26.68
C GLN B 337 19.80 -3.44 -27.19
#